data_6D67
#
_entry.id   6D67
#
_cell.length_a   75.286
_cell.length_b   84.699
_cell.length_c   105.962
_cell.angle_alpha   90.00
_cell.angle_beta   90.00
_cell.angle_gamma   90.00
#
_symmetry.space_group_name_H-M   'P 21 21 21'
#
loop_
_entity.id
_entity.type
_entity.pdbx_description
1 polymer 'Maltose-binding periplasmic protein,Dual specificity protein phosphatase 1'
2 polymer 'Designed AR protein mbp3_16'
3 branched alpha-D-glucopyranose-(1-4)-alpha-D-glucopyranose
4 non-polymer DI(HYDROXYETHYL)ETHER
5 non-polymer 'PHOSPHATE ION'
6 non-polymer 1,2-ETHANEDIOL
7 water water
#
loop_
_entity_poly.entity_id
_entity_poly.type
_entity_poly.pdbx_seq_one_letter_code
_entity_poly.pdbx_strand_id
1 'polypeptide(L)'
;MKIEEGKLVIWINGDKGYNGLAEVGKKFEKDTGIKVTVEHPDKLEEKFPQVAATGDGPDIIFWAHDRFGGYAQSGLLAEI
TPAAAFQDKLYPFTWDAVRYNGKLIAYPIAVEALSLIYNKDLLPNPPKTWEEIPALDKELKAKGKSALMFNLQEPYFTWP
LIAADGGYAFKYAAGKYDIKDVGVDNAGAKAGLTFLVDLIKNKHMNADTDYSIAEAAFNKGETAMTINGPWAWSNIDTSA
VNYGVTVLPTFKGQPSKPFVGVLSAGINAASPNKELAKEFLENYLLTDEGLEAVNKDKPLGAVALKSYEEELAKDPRIAA
TMENAQKGEIMPNIPQMSAFWYAVRTAVINAASGRQTVDAALAAAQTNAAAGGPVEILPFLYLGSAYHASRKDMLDALGI
TALINVSANCPNHFEGHYQYKSIPVEDNHKADISSWFNEAIDFIDSIKNAGGRVFVHSQAGISRSATICLAYLMRTNRVK
LDEAFEFVKQRRSIISPNFSFMGQLLQFESQVLAHHHHHH
;
A
2 'polypeptide(L)'
;MRGSHHHHHHGSDLGKKLLEAAHAGQDDEVRILMANGADVNAMDNFGVTPLHLAAYWGHFEIVEVLLKYGADVNASDATG
DTPLHLAAKWGYLGIVEVLLKYGADVNAQDKFGKTAFDISIDNGNEDLAEILQKLN
;
B
#
# COMPACT_ATOMS: atom_id res chain seq x y z
N LYS A 2 -19.21 -2.62 -25.99
CA LYS A 2 -19.04 -1.79 -27.18
C LYS A 2 -17.69 -2.05 -27.85
N ILE A 3 -16.83 -1.03 -27.83
CA ILE A 3 -15.55 -0.98 -28.55
C ILE A 3 -15.77 -1.01 -30.05
N GLU A 4 -15.52 0.12 -30.68
CA GLU A 4 -15.92 0.37 -32.06
C GLU A 4 -14.89 -0.19 -33.04
N GLU A 5 -15.38 -0.88 -34.07
CA GLU A 5 -14.53 -1.32 -35.18
C GLU A 5 -13.92 -0.12 -35.90
N GLY A 6 -12.68 -0.28 -36.36
CA GLY A 6 -12.03 0.72 -37.19
C GLY A 6 -11.33 1.84 -36.46
N LYS A 7 -11.38 1.85 -35.13
CA LYS A 7 -10.70 2.82 -34.29
C LYS A 7 -9.88 2.05 -33.26
N LEU A 8 -8.91 2.73 -32.67
CA LEU A 8 -8.17 2.20 -31.52
C LEU A 8 -8.40 3.12 -30.32
N VAL A 9 -8.74 2.54 -29.19
CA VAL A 9 -8.68 3.26 -27.93
C VAL A 9 -7.62 2.58 -27.07
N ILE A 10 -6.82 3.42 -26.39
CA ILE A 10 -5.65 2.98 -25.63
C ILE A 10 -5.75 3.60 -24.24
N TRP A 11 -5.52 2.78 -23.21
CA TRP A 11 -5.44 3.25 -21.84
C TRP A 11 -4.01 3.13 -21.34
N ILE A 12 -3.54 4.19 -20.70
CA ILE A 12 -2.20 4.21 -20.11
C ILE A 12 -2.33 5.02 -18.82
N ASN A 13 -1.40 4.80 -17.90
CA ASN A 13 -1.53 5.46 -16.60
C ASN A 13 -1.25 6.97 -16.71
N GLY A 14 -1.83 7.73 -15.77
CA GLY A 14 -1.67 9.18 -15.78
C GLY A 14 -0.25 9.67 -15.52
N ASP A 15 0.65 8.79 -15.10
CA ASP A 15 2.01 9.24 -14.87
C ASP A 15 2.92 8.97 -16.06
N LYS A 16 2.41 8.34 -17.11
CA LYS A 16 3.21 7.96 -18.25
C LYS A 16 3.08 9.01 -19.36
N GLY A 17 3.87 8.83 -20.42
CA GLY A 17 3.86 9.78 -21.51
C GLY A 17 2.68 9.67 -22.48
N TYR A 18 1.46 9.90 -21.99
CA TYR A 18 0.29 9.76 -22.87
C TYR A 18 0.29 10.76 -24.01
N ASN A 19 0.84 11.95 -23.81
CA ASN A 19 0.88 12.88 -24.93
C ASN A 19 1.81 12.38 -26.04
N GLY A 20 3.00 11.89 -25.67
CA GLY A 20 3.91 11.35 -26.66
C GLY A 20 3.38 10.08 -27.31
N LEU A 21 2.67 9.25 -26.55
CA LEU A 21 1.96 8.14 -27.16
C LEU A 21 0.90 8.64 -28.13
N ALA A 22 0.16 9.68 -27.74
CA ALA A 22 -0.83 10.25 -28.66
C ALA A 22 -0.19 10.75 -29.95
N GLU A 23 1.09 11.16 -29.90
CA GLU A 23 1.77 11.62 -31.10
C GLU A 23 2.10 10.46 -32.03
N VAL A 24 2.55 9.35 -31.47
CA VAL A 24 2.64 8.13 -32.26
C VAL A 24 1.27 7.78 -32.85
N GLY A 25 0.21 8.02 -32.08
CA GLY A 25 -1.13 7.68 -32.52
C GLY A 25 -1.59 8.50 -33.71
N LYS A 26 -1.18 9.76 -33.78
CA LYS A 26 -1.58 10.59 -34.93
C LYS A 26 -0.69 10.39 -36.14
N LYS A 27 0.55 9.97 -35.94
CA LYS A 27 1.28 9.39 -37.06
C LYS A 27 0.49 8.24 -37.68
N PHE A 28 0.10 7.27 -36.85
CA PHE A 28 -0.73 6.16 -37.29
C PHE A 28 -1.96 6.66 -38.04
N GLU A 29 -2.66 7.63 -37.47
CA GLU A 29 -3.83 8.18 -38.14
C GLU A 29 -3.44 8.80 -39.48
N LYS A 30 -2.39 9.63 -39.49
CA LYS A 30 -1.94 10.24 -40.73
C LYS A 30 -1.66 9.19 -41.81
N ASP A 31 -1.01 8.09 -41.43
CA ASP A 31 -0.64 7.08 -42.40
C ASP A 31 -1.81 6.16 -42.74
N THR A 32 -2.63 5.79 -41.76
CA THR A 32 -3.70 4.81 -41.98
C THR A 32 -5.10 5.38 -41.96
N GLY A 33 -5.30 6.58 -41.44
CA GLY A 33 -6.67 7.00 -41.23
C GLY A 33 -7.38 6.25 -40.13
N ILE A 34 -6.66 5.56 -39.26
CA ILE A 34 -7.25 4.93 -38.07
C ILE A 34 -7.09 5.91 -36.93
N LYS A 35 -8.21 6.45 -36.45
CA LYS A 35 -8.18 7.36 -35.32
C LYS A 35 -7.75 6.57 -34.07
N VAL A 36 -6.81 7.13 -33.33
CA VAL A 36 -6.27 6.52 -32.11
C VAL A 36 -6.54 7.48 -30.97
N THR A 37 -7.26 7.01 -29.96
CA THR A 37 -7.60 7.85 -28.81
C THR A 37 -6.88 7.29 -27.60
N VAL A 38 -5.92 8.05 -27.08
CA VAL A 38 -5.23 7.67 -25.85
C VAL A 38 -5.97 8.30 -24.67
N GLU A 39 -6.27 7.50 -23.66
CA GLU A 39 -6.90 7.97 -22.43
C GLU A 39 -6.11 7.46 -21.23
N HIS A 40 -6.14 8.22 -20.14
CA HIS A 40 -5.50 7.81 -18.89
C HIS A 40 -6.50 7.86 -17.75
N PRO A 41 -7.38 6.86 -17.66
CA PRO A 41 -8.40 6.86 -16.60
C PRO A 41 -7.79 6.68 -15.23
N ASP A 42 -8.54 7.13 -14.23
CA ASP A 42 -8.13 6.90 -12.85
C ASP A 42 -8.27 5.43 -12.49
N LYS A 43 -7.49 5.00 -11.49
CA LYS A 43 -7.46 3.62 -11.00
C LYS A 43 -7.51 2.63 -12.16
N LEU A 44 -6.65 2.89 -13.14
CA LEU A 44 -6.67 2.19 -14.41
C LEU A 44 -6.54 0.69 -14.23
N GLU A 45 -5.66 0.27 -13.31
CA GLU A 45 -5.42 -1.15 -13.06
C GLU A 45 -6.63 -1.84 -12.47
N GLU A 46 -7.42 -1.13 -11.67
CA GLU A 46 -8.68 -1.67 -11.15
C GLU A 46 -9.77 -1.59 -12.21
N LYS A 47 -9.87 -0.42 -12.86
CA LYS A 47 -10.95 -0.17 -13.80
C LYS A 47 -10.91 -1.10 -15.01
N PHE A 48 -9.73 -1.46 -15.50
CA PHE A 48 -9.70 -2.28 -16.73
C PHE A 48 -10.36 -3.64 -16.58
N PRO A 49 -10.08 -4.45 -15.54
CA PRO A 49 -10.82 -5.72 -15.44
C PRO A 49 -12.31 -5.54 -15.36
N GLN A 50 -12.80 -4.48 -14.69
CA GLN A 50 -14.24 -4.27 -14.59
C GLN A 50 -14.87 -4.09 -15.97
N VAL A 51 -14.39 -3.11 -16.74
CA VAL A 51 -14.97 -2.83 -18.03
C VAL A 51 -14.72 -4.00 -18.99
N ALA A 52 -13.52 -4.59 -18.96
CA ALA A 52 -13.18 -5.63 -19.92
C ALA A 52 -13.94 -6.93 -19.67
N ALA A 53 -14.36 -7.16 -18.42
CA ALA A 53 -15.16 -8.33 -18.09
C ALA A 53 -16.44 -8.39 -18.92
N THR A 54 -17.09 -7.24 -19.13
CA THR A 54 -18.31 -7.17 -19.92
C THR A 54 -18.05 -6.77 -21.37
N GLY A 55 -16.85 -7.03 -21.91
CA GLY A 55 -16.61 -6.81 -23.32
C GLY A 55 -16.38 -5.36 -23.73
N ASP A 56 -16.30 -4.46 -22.77
CA ASP A 56 -16.00 -3.06 -23.05
C ASP A 56 -14.53 -2.79 -22.73
N GLY A 57 -14.13 -1.53 -22.84
CA GLY A 57 -12.81 -1.12 -22.45
C GLY A 57 -12.00 -0.63 -23.62
N PRO A 58 -10.70 -0.50 -23.44
CA PRO A 58 -9.82 -0.08 -24.53
C PRO A 58 -9.54 -1.26 -25.46
N ASP A 59 -8.95 -0.93 -26.59
CA ASP A 59 -8.42 -1.98 -27.45
C ASP A 59 -7.06 -2.45 -26.94
N ILE A 60 -6.24 -1.51 -26.47
CA ILE A 60 -4.92 -1.77 -25.93
C ILE A 60 -4.88 -1.21 -24.54
N ILE A 61 -4.27 -1.96 -23.62
CA ILE A 61 -4.09 -1.50 -22.25
C ILE A 61 -2.61 -1.57 -21.90
N PHE A 62 -2.11 -0.51 -21.26
CA PHE A 62 -0.71 -0.38 -20.85
C PHE A 62 -0.64 -0.44 -19.33
N TRP A 63 0.11 -1.40 -18.81
CA TRP A 63 0.42 -1.47 -17.38
C TRP A 63 1.74 -2.24 -17.24
N ALA A 64 2.31 -2.21 -16.03
CA ALA A 64 3.44 -3.08 -15.77
C ALA A 64 2.97 -4.52 -15.83
N HIS A 65 3.90 -5.40 -16.22
CA HIS A 65 3.58 -6.80 -16.47
C HIS A 65 2.92 -7.50 -15.28
N ASP A 66 3.08 -7.02 -14.04
CA ASP A 66 2.64 -7.79 -12.88
C ASP A 66 1.13 -8.05 -12.86
N ARG A 67 0.31 -7.14 -13.41
CA ARG A 67 -1.15 -7.35 -13.44
C ARG A 67 -1.63 -8.22 -14.60
N PHE A 68 -0.75 -8.59 -15.53
CA PHE A 68 -1.20 -9.15 -16.80
C PHE A 68 -1.52 -10.64 -16.73
N GLY A 69 -0.88 -11.38 -15.82
CA GLY A 69 -1.25 -12.79 -15.67
C GLY A 69 -2.69 -12.94 -15.22
N GLY A 70 -3.13 -12.08 -14.30
CA GLY A 70 -4.50 -12.13 -13.84
C GLY A 70 -5.48 -11.63 -14.88
N TYR A 71 -5.04 -10.69 -15.72
CA TYR A 71 -5.90 -10.29 -16.82
C TYR A 71 -6.11 -11.46 -17.77
N ALA A 72 -5.04 -12.18 -18.09
CA ALA A 72 -5.14 -13.29 -19.03
C ALA A 72 -5.99 -14.40 -18.43
N GLN A 73 -5.66 -14.78 -17.20
CA GLN A 73 -6.39 -15.81 -16.49
C GLN A 73 -7.89 -15.59 -16.55
N SER A 74 -8.34 -14.34 -16.43
CA SER A 74 -9.77 -14.05 -16.51
C SER A 74 -10.29 -13.94 -17.97
N GLY A 75 -9.53 -14.35 -18.98
CA GLY A 75 -10.01 -14.24 -20.34
C GLY A 75 -10.15 -12.82 -20.84
N LEU A 76 -9.39 -11.88 -20.31
CA LEU A 76 -9.51 -10.50 -20.73
C LEU A 76 -8.55 -10.14 -21.85
N LEU A 77 -7.53 -10.95 -22.10
CA LEU A 77 -6.44 -10.63 -23.00
C LEU A 77 -6.40 -11.58 -24.19
N ALA A 78 -5.94 -11.06 -25.31
CA ALA A 78 -5.71 -11.85 -26.50
C ALA A 78 -4.25 -12.26 -26.52
N GLU A 79 -3.99 -13.51 -26.86
CA GLU A 79 -2.60 -13.91 -27.06
C GLU A 79 -2.02 -13.09 -28.18
N ILE A 80 -0.75 -12.72 -28.05
CA ILE A 80 -0.04 -12.01 -29.09
C ILE A 80 0.91 -12.98 -29.78
N THR A 81 1.03 -12.83 -31.10
CA THR A 81 1.75 -13.77 -31.96
C THR A 81 2.76 -13.03 -32.82
N PRO A 82 3.79 -12.44 -32.22
CA PRO A 82 4.77 -11.71 -33.01
C PRO A 82 5.64 -12.66 -33.81
N ALA A 83 6.09 -12.20 -34.97
CA ALA A 83 7.03 -12.99 -35.75
C ALA A 83 8.35 -13.14 -34.98
N ALA A 84 9.07 -14.21 -35.27
CA ALA A 84 10.34 -14.44 -34.59
C ALA A 84 11.29 -13.28 -34.84
N ALA A 85 11.29 -12.76 -36.07
CA ALA A 85 12.06 -11.58 -36.37
C ALA A 85 11.61 -10.36 -35.57
N PHE A 86 10.37 -10.35 -35.08
CA PHE A 86 10.02 -9.26 -34.19
C PHE A 86 10.50 -9.55 -32.77
N GLN A 87 10.21 -10.74 -32.25
CA GLN A 87 10.65 -11.12 -30.91
C GLN A 87 12.12 -10.88 -30.68
N ASP A 88 12.91 -10.88 -31.75
CA ASP A 88 14.34 -10.70 -31.64
C ASP A 88 14.76 -9.24 -31.49
N LYS A 89 13.86 -8.29 -31.78
CA LYS A 89 14.19 -6.87 -31.61
C LYS A 89 14.13 -6.41 -30.16
N LEU A 90 13.64 -7.25 -29.24
CA LEU A 90 13.53 -6.91 -27.83
C LEU A 90 14.31 -7.92 -26.99
N TYR A 91 14.73 -7.49 -25.80
CA TYR A 91 15.53 -8.36 -24.96
C TYR A 91 14.76 -9.63 -24.60
N PRO A 92 15.40 -10.79 -24.66
CA PRO A 92 14.67 -12.03 -24.33
C PRO A 92 13.97 -11.97 -22.99
N PHE A 93 14.58 -11.36 -21.98
CA PHE A 93 14.00 -11.44 -20.63
C PHE A 93 12.74 -10.59 -20.50
N THR A 94 12.63 -9.50 -21.27
CA THR A 94 11.38 -8.74 -21.25
C THR A 94 10.21 -9.54 -21.84
N TRP A 95 10.47 -10.39 -22.83
CA TRP A 95 9.43 -11.33 -23.29
C TRP A 95 9.02 -12.28 -22.18
N ASP A 96 9.99 -12.80 -21.42
CA ASP A 96 9.67 -13.71 -20.32
C ASP A 96 8.65 -13.08 -19.38
N ALA A 97 8.77 -11.77 -19.15
CA ALA A 97 7.91 -11.14 -18.15
C ALA A 97 6.47 -11.07 -18.62
N VAL A 98 6.22 -11.11 -19.92
CA VAL A 98 4.86 -11.12 -20.45
C VAL A 98 4.42 -12.52 -20.89
N ARG A 99 5.16 -13.57 -20.50
CA ARG A 99 4.82 -14.94 -20.87
CA ARG A 99 4.80 -14.94 -20.86
C ARG A 99 4.08 -15.59 -19.70
N TYR A 100 2.88 -16.10 -19.97
CA TYR A 100 2.03 -16.66 -18.92
C TYR A 100 1.46 -17.98 -19.41
N ASN A 101 1.78 -19.05 -18.70
CA ASN A 101 1.52 -20.43 -19.16
C ASN A 101 2.00 -20.61 -20.59
N GLY A 102 3.18 -20.07 -20.88
CA GLY A 102 3.81 -20.33 -22.15
C GLY A 102 3.21 -19.61 -23.32
N LYS A 103 2.26 -18.72 -23.10
CA LYS A 103 1.74 -17.89 -24.17
C LYS A 103 2.16 -16.45 -23.93
N LEU A 104 2.52 -15.77 -25.02
CA LEU A 104 2.87 -14.34 -24.95
C LEU A 104 1.57 -13.55 -24.89
N ILE A 105 1.38 -12.76 -23.82
CA ILE A 105 0.09 -12.09 -23.61
C ILE A 105 0.17 -10.59 -23.71
N ALA A 106 1.36 -10.02 -23.93
CA ALA A 106 1.48 -8.58 -24.12
C ALA A 106 2.80 -8.28 -24.81
N TYR A 107 2.89 -7.06 -25.30
CA TYR A 107 4.11 -6.52 -25.84
C TYR A 107 4.86 -5.83 -24.72
N PRO A 108 6.10 -6.21 -24.44
CA PRO A 108 6.93 -5.40 -23.54
C PRO A 108 7.38 -4.12 -24.22
N ILE A 109 7.56 -3.05 -23.42
CA ILE A 109 7.97 -1.73 -23.89
C ILE A 109 9.24 -1.24 -23.21
N ALA A 110 9.29 -1.31 -21.88
CA ALA A 110 10.38 -0.67 -21.14
C ALA A 110 10.42 -1.17 -19.70
N VAL A 111 11.62 -1.19 -19.15
CA VAL A 111 11.89 -1.74 -17.83
C VAL A 111 11.95 -0.60 -16.81
N GLU A 112 11.22 -0.75 -15.71
CA GLU A 112 11.07 0.30 -14.72
C GLU A 112 11.63 -0.13 -13.38
N ALA A 113 12.29 0.78 -12.69
CA ALA A 113 12.64 0.55 -11.30
C ALA A 113 12.73 1.90 -10.62
N LEU A 114 12.41 1.91 -9.33
CA LEU A 114 12.46 3.13 -8.53
C LEU A 114 13.91 3.52 -8.27
N SER A 115 14.13 4.81 -8.09
CA SER A 115 15.46 5.27 -7.69
C SER A 115 15.33 6.35 -6.63
N LEU A 116 16.45 6.63 -5.98
CA LEU A 116 16.54 7.74 -5.05
C LEU A 116 16.91 8.99 -5.83
N ILE A 117 16.03 9.98 -5.81
CA ILE A 117 16.27 11.25 -6.45
C ILE A 117 16.50 12.30 -5.38
N TYR A 118 17.46 13.18 -5.62
CA TYR A 118 17.82 14.12 -4.58
C TYR A 118 18.17 15.45 -5.19
N ASN A 119 17.98 16.49 -4.40
CA ASN A 119 18.30 17.86 -4.79
C ASN A 119 19.79 18.12 -4.50
N LYS A 120 20.58 18.31 -5.56
CA LYS A 120 22.03 18.47 -5.39
C LYS A 120 22.38 19.75 -4.63
N ASP A 121 21.58 20.80 -4.73
CA ASP A 121 21.84 22.01 -3.95
C ASP A 121 21.53 21.80 -2.47
N LEU A 122 20.43 21.11 -2.16
CA LEU A 122 20.04 20.90 -0.78
C LEU A 122 20.88 19.84 -0.10
N LEU A 123 21.39 18.88 -0.84
CA LEU A 123 22.01 17.70 -0.26
C LEU A 123 23.08 17.22 -1.22
N PRO A 124 24.23 17.90 -1.23
CA PRO A 124 25.30 17.53 -2.17
C PRO A 124 25.63 16.05 -2.18
N ASN A 125 25.58 15.39 -1.02
CA ASN A 125 25.97 13.99 -0.90
C ASN A 125 24.81 13.19 -0.33
N PRO A 126 24.10 12.42 -1.15
CA PRO A 126 22.97 11.66 -0.64
C PRO A 126 23.41 10.58 0.32
N PRO A 127 22.58 10.20 1.28
CA PRO A 127 22.99 9.19 2.25
C PRO A 127 23.07 7.82 1.62
N LYS A 128 24.00 7.02 2.12
CA LYS A 128 24.11 5.64 1.68
C LYS A 128 23.13 4.73 2.41
N THR A 129 22.68 5.11 3.60
CA THR A 129 21.83 4.25 4.40
C THR A 129 20.51 4.93 4.74
N TRP A 130 19.49 4.09 4.95
CA TRP A 130 18.24 4.57 5.53
C TRP A 130 18.45 5.11 6.94
N GLU A 131 19.32 4.45 7.70
CA GLU A 131 19.54 4.80 9.12
C GLU A 131 20.00 6.25 9.30
N GLU A 132 20.65 6.84 8.28
CA GLU A 132 21.11 8.22 8.34
C GLU A 132 19.98 9.25 8.23
N ILE A 133 18.85 8.85 7.67
CA ILE A 133 17.87 9.83 7.23
C ILE A 133 17.22 10.60 8.39
N PRO A 134 16.93 9.99 9.55
CA PRO A 134 16.41 10.82 10.66
C PRO A 134 17.33 11.98 11.05
N ALA A 135 18.65 11.73 11.09
CA ALA A 135 19.57 12.80 11.48
C ALA A 135 19.60 13.91 10.43
N LEU A 136 19.57 13.55 9.15
CA LEU A 136 19.52 14.57 8.10
C LEU A 136 18.23 15.38 8.19
N ASP A 137 17.09 14.70 8.40
CA ASP A 137 15.84 15.42 8.51
C ASP A 137 15.88 16.42 9.66
N LYS A 138 16.56 16.07 10.76
CA LYS A 138 16.68 17.04 11.85
C LYS A 138 17.50 18.24 11.42
N GLU A 139 18.63 18.02 10.75
CA GLU A 139 19.41 19.14 10.22
C GLU A 139 18.60 19.97 9.25
N LEU A 140 17.93 19.31 8.29
CA LEU A 140 17.18 20.02 7.26
C LEU A 140 15.96 20.75 7.84
N LYS A 141 15.27 20.16 8.82
CA LYS A 141 14.10 20.83 9.40
C LYS A 141 14.48 22.15 10.05
N ALA A 142 15.68 22.26 10.60
CA ALA A 142 16.13 23.51 11.20
C ALA A 142 16.29 24.62 10.17
N LYS A 143 16.57 24.27 8.91
CA LYS A 143 16.54 25.22 7.80
C LYS A 143 15.19 25.21 7.05
N GLY A 144 14.14 24.64 7.65
CA GLY A 144 12.83 24.71 7.03
C GLY A 144 12.60 23.85 5.82
N LYS A 145 13.43 22.82 5.61
CA LYS A 145 13.20 21.81 4.58
C LYS A 145 12.94 20.48 5.26
N SER A 146 12.79 19.42 4.45
CA SER A 146 12.77 18.07 4.98
C SER A 146 13.65 17.17 4.13
N ALA A 147 14.05 16.04 4.72
CA ALA A 147 14.97 15.12 4.05
C ALA A 147 14.28 14.31 2.95
N LEU A 148 13.08 13.77 3.20
CA LEU A 148 12.53 12.77 2.28
C LEU A 148 11.00 12.80 2.22
N MET A 149 10.47 12.80 1.00
CA MET A 149 9.04 12.67 0.80
C MET A 149 8.78 11.73 -0.36
N PHE A 150 7.96 10.70 -0.12
CA PHE A 150 7.58 9.83 -1.21
C PHE A 150 6.17 9.34 -0.95
N ASN A 151 5.58 8.77 -2.00
CA ASN A 151 4.18 8.37 -1.97
C ASN A 151 3.99 7.24 -0.95
N LEU A 152 3.29 7.51 0.14
CA LEU A 152 3.01 6.47 1.12
C LEU A 152 1.65 5.82 0.92
N GLN A 153 0.93 6.14 -0.14
CA GLN A 153 -0.38 5.55 -0.39
C GLN A 153 -0.32 4.34 -1.29
N GLU A 154 0.82 4.12 -1.95
CA GLU A 154 1.02 3.02 -2.88
C GLU A 154 2.16 2.14 -2.37
N PRO A 155 1.90 0.84 -2.09
CA PRO A 155 2.96 0.00 -1.48
C PRO A 155 4.20 -0.19 -2.35
N TYR A 156 4.06 -0.06 -3.67
CA TYR A 156 5.20 -0.05 -4.60
C TYR A 156 6.34 0.84 -4.11
N PHE A 157 6.01 1.99 -3.53
CA PHE A 157 7.03 2.96 -3.12
C PHE A 157 7.68 2.58 -1.79
N THR A 158 7.01 1.81 -0.93
CA THR A 158 7.62 1.35 0.31
C THR A 158 8.28 -0.02 0.17
N TRP A 159 7.94 -0.76 -0.88
CA TRP A 159 8.46 -2.11 -1.06
C TRP A 159 9.98 -2.24 -1.04
N PRO A 160 10.76 -1.39 -1.73
CA PRO A 160 12.22 -1.54 -1.65
C PRO A 160 12.76 -1.63 -0.22
N LEU A 161 12.13 -0.96 0.73
CA LEU A 161 12.58 -0.98 2.13
C LEU A 161 12.04 -2.20 2.88
N ILE A 162 10.80 -2.60 2.60
CA ILE A 162 10.25 -3.81 3.18
C ILE A 162 11.06 -5.05 2.79
N ALA A 163 11.60 -5.07 1.59
CA ALA A 163 12.25 -6.25 1.06
C ALA A 163 13.75 -6.26 1.30
N ALA A 164 14.34 -5.12 1.70
CA ALA A 164 15.80 -5.02 1.77
C ALA A 164 16.39 -6.03 2.75
N ASP A 165 15.67 -6.32 3.84
CA ASP A 165 16.11 -7.24 4.87
C ASP A 165 15.45 -8.60 4.77
N GLY A 166 14.66 -8.86 3.73
CA GLY A 166 14.13 -10.20 3.60
C GLY A 166 12.67 -10.34 3.23
N GLY A 167 11.99 -9.23 2.97
CA GLY A 167 10.63 -9.31 2.51
C GLY A 167 10.57 -9.84 1.09
N TYR A 168 9.47 -10.54 0.78
CA TYR A 168 9.22 -10.89 -0.62
C TYR A 168 7.75 -11.21 -0.81
N ALA A 169 7.31 -11.11 -2.06
CA ALA A 169 5.95 -11.49 -2.40
C ALA A 169 5.80 -13.01 -2.37
N PHE A 170 6.17 -13.67 -3.46
CA PHE A 170 6.05 -15.11 -3.59
C PHE A 170 7.42 -15.71 -3.88
N LYS A 171 7.81 -16.71 -3.09
CA LYS A 171 9.14 -17.26 -3.25
C LYS A 171 9.21 -18.03 -4.57
N TYR A 172 10.36 -17.93 -5.22
CA TYR A 172 10.55 -18.55 -6.53
C TYR A 172 11.28 -19.87 -6.33
N ALA A 173 10.54 -20.97 -6.37
CA ALA A 173 11.11 -22.30 -6.19
C ALA A 173 11.13 -23.03 -7.52
N ALA A 174 12.32 -23.50 -7.91
CA ALA A 174 12.51 -24.24 -9.16
C ALA A 174 12.31 -23.33 -10.36
N GLY A 175 11.16 -23.48 -11.03
CA GLY A 175 10.80 -22.64 -12.14
C GLY A 175 9.35 -22.20 -12.04
N LYS A 176 8.75 -22.41 -10.88
CA LYS A 176 7.41 -21.93 -10.60
C LYS A 176 7.48 -20.99 -9.40
N TYR A 177 6.51 -20.10 -9.33
CA TYR A 177 6.29 -19.36 -8.11
C TYR A 177 5.48 -20.23 -7.15
N ASP A 178 5.79 -20.11 -5.86
CA ASP A 178 5.14 -20.90 -4.81
C ASP A 178 4.16 -19.97 -4.10
N ILE A 179 2.88 -20.08 -4.46
CA ILE A 179 1.88 -19.10 -4.04
C ILE A 179 1.46 -19.24 -2.60
N LYS A 180 1.93 -20.28 -1.90
CA LYS A 180 1.75 -20.36 -0.46
C LYS A 180 2.94 -19.82 0.32
N ASP A 181 4.12 -19.77 -0.30
CA ASP A 181 5.33 -19.21 0.32
C ASP A 181 5.35 -17.70 0.08
N VAL A 182 4.78 -16.96 1.02
CA VAL A 182 4.75 -15.51 0.99
C VAL A 182 5.66 -14.95 2.08
N GLY A 183 6.41 -13.91 1.76
CA GLY A 183 7.32 -13.35 2.73
C GLY A 183 6.89 -11.96 3.13
N VAL A 184 5.63 -11.80 3.50
CA VAL A 184 5.15 -10.47 3.86
C VAL A 184 5.24 -10.19 5.36
N ASP A 185 5.24 -11.22 6.20
CA ASP A 185 5.30 -11.01 7.65
C ASP A 185 6.52 -11.67 8.27
N ASN A 186 7.59 -11.84 7.49
CA ASN A 186 8.81 -12.43 8.03
C ASN A 186 9.60 -11.37 8.79
N ALA A 187 10.77 -11.76 9.30
CA ALA A 187 11.56 -10.83 10.09
C ALA A 187 12.05 -9.65 9.25
N GLY A 188 12.33 -9.87 7.97
CA GLY A 188 12.81 -8.79 7.15
C GLY A 188 11.74 -7.73 6.92
N ALA A 189 10.55 -8.15 6.49
CA ALA A 189 9.47 -7.23 6.20
C ALA A 189 9.10 -6.40 7.43
N LYS A 190 9.01 -7.06 8.58
CA LYS A 190 8.75 -6.38 9.84
C LYS A 190 9.80 -5.33 10.12
N ALA A 191 11.07 -5.64 9.89
CA ALA A 191 12.12 -4.66 10.19
C ALA A 191 11.94 -3.44 9.32
N GLY A 192 11.77 -3.65 8.02
CA GLY A 192 11.60 -2.53 7.10
C GLY A 192 10.38 -1.70 7.41
N LEU A 193 9.22 -2.33 7.58
CA LEU A 193 8.04 -1.52 7.83
C LEU A 193 8.16 -0.80 9.16
N THR A 194 8.74 -1.47 10.17
CA THR A 194 8.98 -0.82 11.46
C THR A 194 9.79 0.46 11.29
N PHE A 195 10.81 0.42 10.44
CA PHE A 195 11.63 1.60 10.24
C PHE A 195 10.82 2.71 9.59
N LEU A 196 9.94 2.36 8.66
CA LEU A 196 9.13 3.38 8.03
C LEU A 196 8.15 3.99 9.02
N VAL A 197 7.57 3.14 9.88
CA VAL A 197 6.63 3.62 10.89
C VAL A 197 7.34 4.52 11.88
N ASP A 198 8.54 4.15 12.31
CA ASP A 198 9.30 5.02 13.22
C ASP A 198 9.54 6.39 12.59
N LEU A 199 9.90 6.41 11.29
CA LEU A 199 10.11 7.68 10.59
C LEU A 199 8.91 8.59 10.73
N ILE A 200 7.71 8.01 10.66
CA ILE A 200 6.48 8.78 10.69
C ILE A 200 6.13 9.20 12.11
N LYS A 201 6.17 8.24 13.04
CA LYS A 201 5.79 8.53 14.42
C LYS A 201 6.73 9.58 15.01
N ASN A 202 7.99 9.60 14.57
CA ASN A 202 8.93 10.63 14.97
C ASN A 202 8.84 11.90 14.12
N LYS A 203 7.87 11.98 13.20
CA LYS A 203 7.55 13.18 12.43
C LYS A 203 8.61 13.51 11.39
N HIS A 204 9.25 12.50 10.84
CA HIS A 204 10.12 12.71 9.69
C HIS A 204 9.35 12.62 8.38
N MET A 205 8.29 11.83 8.34
CA MET A 205 7.36 11.85 7.22
C MET A 205 5.94 11.95 7.75
N ASN A 206 5.04 12.35 6.87
CA ASN A 206 3.62 12.44 7.16
C ASN A 206 2.95 11.31 6.38
N ALA A 207 2.15 10.49 7.08
CA ALA A 207 1.43 9.37 6.44
C ALA A 207 0.46 9.81 5.34
N ASP A 208 0.07 11.09 5.27
CA ASP A 208 -0.86 11.52 4.23
C ASP A 208 -0.18 11.79 2.90
N THR A 209 1.15 11.71 2.84
CA THR A 209 1.84 12.05 1.60
C THR A 209 1.44 11.09 0.48
N ASP A 210 1.02 11.64 -0.65
CA ASP A 210 0.70 10.83 -1.83
C ASP A 210 1.66 11.22 -2.95
N TYR A 211 1.36 10.72 -4.16
CA TYR A 211 2.26 10.97 -5.28
C TYR A 211 2.42 12.46 -5.54
N SER A 212 1.29 13.18 -5.59
CA SER A 212 1.34 14.55 -6.07
C SER A 212 1.94 15.48 -5.04
N ILE A 213 1.69 15.23 -3.74
CA ILE A 213 2.30 16.01 -2.68
C ILE A 213 3.82 15.83 -2.69
N ALA A 214 4.27 14.58 -2.83
CA ALA A 214 5.70 14.30 -2.82
C ALA A 214 6.36 14.84 -4.07
N GLU A 215 5.66 14.86 -5.19
CA GLU A 215 6.24 15.47 -6.39
C GLU A 215 6.28 16.99 -6.28
N ALA A 216 5.24 17.60 -5.72
CA ALA A 216 5.25 19.04 -5.56
C ALA A 216 6.37 19.48 -4.62
N ALA A 217 6.51 18.80 -3.47
CA ALA A 217 7.51 19.18 -2.50
C ALA A 217 8.91 19.12 -3.08
N PHE A 218 9.26 18.00 -3.71
CA PHE A 218 10.59 17.89 -4.31
C PHE A 218 10.77 18.91 -5.43
N ASN A 219 9.78 19.03 -6.31
CA ASN A 219 9.95 19.87 -7.47
C ASN A 219 9.86 21.36 -7.16
N LYS A 220 9.49 21.72 -5.93
CA LYS A 220 9.54 23.09 -5.43
C LYS A 220 10.67 23.32 -4.44
N GLY A 221 11.56 22.34 -4.29
CA GLY A 221 12.68 22.48 -3.39
C GLY A 221 12.34 22.42 -1.92
N GLU A 222 11.18 21.89 -1.53
CA GLU A 222 10.86 21.83 -0.11
C GLU A 222 11.49 20.62 0.59
N THR A 223 11.85 19.59 -0.16
CA THR A 223 12.30 18.32 0.40
C THR A 223 13.54 17.89 -0.37
N ALA A 224 14.48 17.22 0.31
CA ALA A 224 15.77 16.94 -0.31
C ALA A 224 15.81 15.67 -1.12
N MET A 225 14.91 14.73 -0.85
CA MET A 225 14.92 13.47 -1.58
C MET A 225 13.51 13.01 -1.84
N THR A 226 13.36 12.30 -2.95
CA THR A 226 12.10 11.62 -3.26
C THR A 226 12.44 10.23 -3.75
N ILE A 227 11.41 9.40 -3.90
CA ILE A 227 11.59 8.07 -4.44
C ILE A 227 10.61 7.93 -5.60
N ASN A 228 11.13 7.65 -6.78
CA ASN A 228 10.26 7.73 -7.96
C ASN A 228 10.98 7.06 -9.12
N GLY A 229 10.22 6.86 -10.20
CA GLY A 229 10.72 6.19 -11.37
C GLY A 229 11.01 7.16 -12.48
N PRO A 230 11.45 6.64 -13.62
CA PRO A 230 11.92 7.50 -14.72
C PRO A 230 10.87 8.46 -15.26
N TRP A 231 9.59 8.06 -15.29
CA TRP A 231 8.51 8.94 -15.74
C TRP A 231 8.54 10.28 -15.03
N ALA A 232 8.97 10.32 -13.77
CA ALA A 232 8.93 11.55 -13.00
C ALA A 232 9.98 12.57 -13.42
N TRP A 233 11.04 12.15 -14.14
CA TRP A 233 12.17 13.04 -14.39
C TRP A 233 11.77 14.27 -15.19
N SER A 234 10.76 14.14 -16.05
CA SER A 234 10.41 15.26 -16.92
C SER A 234 9.90 16.44 -16.13
N ASN A 235 9.12 16.20 -15.09
CA ASN A 235 8.60 17.32 -14.31
C ASN A 235 9.67 17.98 -13.48
N ILE A 236 10.72 17.25 -13.11
CA ILE A 236 11.85 17.87 -12.41
C ILE A 236 12.65 18.75 -13.36
N ASP A 237 12.86 18.27 -14.60
CA ASP A 237 13.52 19.08 -15.61
C ASP A 237 12.84 20.43 -15.79
N THR A 238 11.53 20.42 -16.08
CA THR A 238 10.75 21.64 -16.20
C THR A 238 10.83 22.52 -14.95
N SER A 239 11.16 21.94 -13.79
CA SER A 239 11.31 22.73 -12.58
C SER A 239 12.71 23.35 -12.54
N ALA A 240 12.97 24.13 -11.48
CA ALA A 240 14.28 24.75 -11.29
C ALA A 240 15.13 23.99 -10.29
N VAL A 241 15.12 22.65 -10.37
CA VAL A 241 15.78 21.82 -9.37
C VAL A 241 16.95 21.09 -10.02
N ASN A 242 18.08 21.13 -9.36
CA ASN A 242 19.28 20.47 -9.82
C ASN A 242 19.33 19.13 -9.12
N TYR A 243 19.05 18.05 -9.86
CA TYR A 243 18.79 16.75 -9.26
C TYR A 243 19.74 15.66 -9.75
N GLY A 244 19.88 14.64 -8.91
CA GLY A 244 20.54 13.41 -9.30
C GLY A 244 19.67 12.21 -8.99
N VAL A 245 19.96 11.13 -9.71
CA VAL A 245 19.26 9.86 -9.59
C VAL A 245 20.31 8.84 -9.20
N THR A 246 20.11 8.14 -8.08
CA THR A 246 21.19 7.33 -7.54
C THR A 246 20.64 6.05 -6.93
N VAL A 247 21.56 5.22 -6.43
CA VAL A 247 21.20 4.00 -5.73
C VAL A 247 20.35 4.34 -4.51
N LEU A 248 19.27 3.58 -4.35
CA LEU A 248 18.49 3.65 -3.13
C LEU A 248 19.39 3.30 -1.95
N PRO A 249 19.17 3.91 -0.79
CA PRO A 249 20.04 3.65 0.36
C PRO A 249 19.86 2.23 0.84
N THR A 250 20.85 1.76 1.59
CA THR A 250 20.78 0.43 2.18
C THR A 250 19.98 0.47 3.48
N PHE A 251 19.57 -0.71 3.94
CA PHE A 251 18.89 -0.85 5.22
C PHE A 251 19.41 -2.11 5.89
N LYS A 252 19.82 -1.99 7.16
CA LYS A 252 20.53 -3.05 7.87
C LYS A 252 21.62 -3.63 6.99
N GLY A 253 22.35 -2.74 6.33
CA GLY A 253 23.50 -3.09 5.54
C GLY A 253 23.21 -3.76 4.22
N GLN A 254 21.95 -3.97 3.89
CA GLN A 254 21.57 -4.62 2.63
C GLN A 254 20.91 -3.63 1.67
N PRO A 255 21.09 -3.79 0.36
CA PRO A 255 20.48 -2.84 -0.59
C PRO A 255 18.96 -2.92 -0.57
N SER A 256 18.33 -1.78 -0.87
CA SER A 256 16.90 -1.80 -1.14
C SER A 256 16.63 -2.59 -2.40
N LYS A 257 15.53 -3.36 -2.38
CA LYS A 257 15.19 -4.31 -3.43
CA LYS A 257 15.19 -4.31 -3.44
C LYS A 257 13.88 -3.86 -4.07
N PRO A 258 13.94 -2.94 -5.00
CA PRO A 258 12.70 -2.46 -5.61
C PRO A 258 12.12 -3.53 -6.53
N PHE A 259 10.79 -3.64 -6.53
CA PHE A 259 10.12 -4.45 -7.52
C PHE A 259 10.33 -3.81 -8.88
N VAL A 260 10.78 -4.60 -9.82
CA VAL A 260 11.10 -4.13 -11.14
C VAL A 260 9.90 -4.45 -12.04
N GLY A 261 9.39 -3.44 -12.74
CA GLY A 261 8.21 -3.58 -13.59
C GLY A 261 8.58 -3.44 -15.05
N VAL A 262 7.93 -4.24 -15.90
CA VAL A 262 8.08 -4.14 -17.34
C VAL A 262 6.79 -3.53 -17.86
N LEU A 263 6.86 -2.28 -18.32
CA LEU A 263 5.69 -1.68 -18.95
C LEU A 263 5.33 -2.47 -20.20
N SER A 264 4.04 -2.79 -20.33
CA SER A 264 3.57 -3.75 -21.32
C SER A 264 2.25 -3.26 -21.93
N ALA A 265 1.97 -3.72 -23.15
CA ALA A 265 0.72 -3.37 -23.84
C ALA A 265 0.01 -4.66 -24.27
N GLY A 266 -1.09 -4.99 -23.58
CA GLY A 266 -1.92 -6.10 -23.98
C GLY A 266 -3.08 -5.67 -24.88
N ILE A 267 -3.64 -6.64 -25.59
CA ILE A 267 -4.76 -6.43 -26.50
C ILE A 267 -6.01 -6.99 -25.85
N ASN A 268 -7.04 -6.15 -25.70
CA ASN A 268 -8.31 -6.59 -25.16
C ASN A 268 -8.82 -7.79 -25.95
N ALA A 269 -9.18 -8.85 -25.22
CA ALA A 269 -9.79 -10.00 -25.88
C ALA A 269 -11.09 -9.62 -26.60
N ALA A 270 -11.80 -8.59 -26.12
CA ALA A 270 -13.06 -8.23 -26.76
C ALA A 270 -12.90 -7.26 -27.93
N SER A 271 -11.68 -6.83 -28.25
CA SER A 271 -11.54 -5.81 -29.28
C SER A 271 -11.75 -6.46 -30.64
N PRO A 272 -12.56 -5.85 -31.51
CA PRO A 272 -12.63 -6.32 -32.90
C PRO A 272 -11.52 -5.81 -33.79
N ASN A 273 -10.49 -5.17 -33.21
CA ASN A 273 -9.43 -4.47 -33.93
C ASN A 273 -8.05 -5.08 -33.66
N LYS A 274 -8.03 -6.36 -33.28
CA LYS A 274 -6.80 -6.99 -32.80
C LYS A 274 -5.65 -6.82 -33.78
N GLU A 275 -5.93 -6.93 -35.08
CA GLU A 275 -4.87 -6.77 -36.08
C GLU A 275 -4.39 -5.32 -36.15
N LEU A 276 -5.32 -4.37 -36.04
CA LEU A 276 -4.99 -2.95 -35.99
C LEU A 276 -4.06 -2.64 -34.82
N ALA A 277 -4.44 -3.11 -33.63
CA ALA A 277 -3.56 -3.02 -32.45
C ALA A 277 -2.19 -3.63 -32.73
N LYS A 278 -2.14 -4.79 -33.38
CA LYS A 278 -0.86 -5.44 -33.65
C LYS A 278 -0.02 -4.58 -34.57
N GLU A 279 -0.64 -3.99 -35.59
CA GLU A 279 0.08 -3.13 -36.52
C GLU A 279 0.57 -1.87 -35.83
N PHE A 280 -0.29 -1.22 -35.05
CA PHE A 280 0.10 -0.03 -34.31
C PHE A 280 1.28 -0.34 -33.37
N LEU A 281 1.15 -1.39 -32.58
CA LEU A 281 2.15 -1.69 -31.57
C LEU A 281 3.47 -2.14 -32.18
N GLU A 282 3.42 -3.06 -33.16
CA GLU A 282 4.66 -3.67 -33.68
C GLU A 282 5.43 -2.72 -34.58
N ASN A 283 4.74 -1.93 -35.40
CA ASN A 283 5.39 -1.13 -36.44
C ASN A 283 5.27 0.37 -36.26
N TYR A 284 4.70 0.85 -35.15
CA TYR A 284 4.66 2.29 -34.96
C TYR A 284 5.20 2.63 -33.58
N LEU A 285 4.75 1.92 -32.55
CA LEU A 285 5.21 2.25 -31.20
C LEU A 285 6.57 1.63 -30.92
N LEU A 286 6.71 0.33 -31.20
CA LEU A 286 7.91 -0.41 -30.86
C LEU A 286 9.00 -0.23 -31.91
N THR A 287 9.22 1.01 -32.25
CA THR A 287 10.27 1.44 -33.16
C THR A 287 11.01 2.55 -32.44
N ASP A 288 12.24 2.82 -32.91
CA ASP A 288 13.03 3.88 -32.28
C ASP A 288 12.32 5.22 -32.36
N GLU A 289 11.61 5.48 -33.46
CA GLU A 289 10.93 6.77 -33.62
C GLU A 289 9.70 6.85 -32.73
N GLY A 290 8.96 5.75 -32.59
CA GLY A 290 7.78 5.78 -31.74
C GLY A 290 8.13 5.84 -30.28
N LEU A 291 9.05 4.97 -29.86
CA LEU A 291 9.50 4.99 -28.47
C LEU A 291 10.11 6.34 -28.11
N GLU A 292 10.71 7.02 -29.08
CA GLU A 292 11.30 8.31 -28.77
C GLU A 292 10.24 9.38 -28.57
N ALA A 293 9.14 9.30 -29.32
CA ALA A 293 8.05 10.25 -29.11
C ALA A 293 7.46 10.11 -27.69
N VAL A 294 7.27 8.88 -27.23
CA VAL A 294 6.79 8.69 -25.86
C VAL A 294 7.86 9.16 -24.88
N ASN A 295 9.10 8.73 -25.09
CA ASN A 295 10.18 9.00 -24.15
C ASN A 295 10.44 10.50 -23.99
N LYS A 296 10.25 11.29 -25.05
CA LYS A 296 10.48 12.72 -24.91
C LYS A 296 9.44 13.37 -24.00
N ASP A 297 8.24 12.79 -23.94
CA ASP A 297 7.18 13.30 -23.08
C ASP A 297 7.46 12.96 -21.63
N LYS A 298 7.71 11.68 -21.34
CA LYS A 298 7.98 11.22 -20.00
C LYS A 298 8.84 9.99 -20.20
N PRO A 299 10.04 9.95 -19.60
CA PRO A 299 10.95 8.84 -19.87
C PRO A 299 10.34 7.48 -19.53
N LEU A 300 10.60 6.52 -20.40
CA LEU A 300 10.13 5.16 -20.18
C LEU A 300 11.04 4.39 -19.24
N GLY A 301 12.27 4.82 -19.05
CA GLY A 301 13.28 3.98 -18.42
C GLY A 301 14.16 3.33 -19.47
N ALA A 302 14.51 2.07 -19.26
CA ALA A 302 15.31 1.31 -20.21
C ALA A 302 14.38 0.58 -21.16
N VAL A 303 14.29 1.02 -22.40
CA VAL A 303 13.28 0.47 -23.30
C VAL A 303 13.66 -0.95 -23.72
N ALA A 304 12.65 -1.82 -23.84
CA ALA A 304 12.82 -3.23 -24.21
C ALA A 304 13.53 -3.40 -25.56
N LEU A 305 13.73 -2.32 -26.29
CA LEU A 305 14.19 -2.39 -27.67
C LEU A 305 15.71 -2.42 -27.69
N LYS A 306 16.27 -3.54 -28.17
CA LYS A 306 17.72 -3.72 -28.20
C LYS A 306 18.44 -2.55 -28.83
N SER A 307 17.91 -2.02 -29.94
CA SER A 307 18.57 -0.97 -30.68
C SER A 307 18.83 0.30 -29.88
N TYR A 308 18.33 0.38 -28.64
CA TYR A 308 18.46 1.57 -27.81
C TYR A 308 19.57 1.50 -26.77
N GLU A 309 20.19 0.34 -26.59
CA GLU A 309 21.35 0.21 -25.73
C GLU A 309 22.46 1.19 -26.12
N GLU A 310 22.44 1.66 -27.37
CA GLU A 310 23.31 2.76 -27.77
C GLU A 310 22.86 4.03 -27.05
N GLU A 311 21.65 4.51 -27.34
CA GLU A 311 21.23 5.80 -26.80
C GLU A 311 21.12 5.73 -25.28
N LEU A 312 20.45 4.72 -24.75
CA LEU A 312 20.39 4.55 -23.31
C LEU A 312 21.75 4.10 -22.77
N ALA A 313 21.86 4.10 -21.44
CA ALA A 313 23.09 3.79 -20.72
C ALA A 313 24.15 4.85 -20.98
N LYS A 314 23.91 5.70 -21.97
CA LYS A 314 24.57 6.99 -22.07
C LYS A 314 23.87 8.05 -21.22
N ASP A 315 22.95 7.63 -20.35
CA ASP A 315 22.27 8.51 -19.41
C ASP A 315 22.57 7.99 -18.02
N PRO A 316 23.12 8.81 -17.12
CA PRO A 316 23.40 8.31 -15.77
C PRO A 316 22.15 7.92 -14.99
N ARG A 317 21.01 8.58 -15.23
CA ARG A 317 19.75 8.23 -14.58
C ARG A 317 19.22 6.87 -15.03
N ILE A 318 19.44 6.49 -16.30
CA ILE A 318 19.14 5.12 -16.72
C ILE A 318 20.11 4.15 -16.09
N ALA A 319 21.38 4.54 -15.96
CA ALA A 319 22.34 3.68 -15.28
C ALA A 319 21.92 3.45 -13.84
N ALA A 320 21.47 4.52 -13.17
CA ALA A 320 21.00 4.40 -11.80
C ALA A 320 19.78 3.50 -11.72
N THR A 321 18.83 3.68 -12.64
CA THR A 321 17.67 2.79 -12.71
C THR A 321 18.10 1.33 -12.84
N MET A 322 19.03 1.06 -13.75
CA MET A 322 19.45 -0.32 -13.96
C MET A 322 20.23 -0.86 -12.76
N GLU A 323 20.90 0.00 -12.02
CA GLU A 323 21.57 -0.51 -10.83
C GLU A 323 20.56 -0.88 -9.74
N ASN A 324 19.57 -0.02 -9.48
CA ASN A 324 18.49 -0.39 -8.56
C ASN A 324 17.69 -1.58 -9.07
N ALA A 325 17.50 -1.68 -10.38
CA ALA A 325 16.77 -2.80 -10.93
C ALA A 325 17.46 -4.12 -10.60
N GLN A 326 18.79 -4.18 -10.81
CA GLN A 326 19.51 -5.43 -10.58
C GLN A 326 19.58 -5.77 -9.10
N LYS A 327 19.65 -4.79 -8.22
CA LYS A 327 19.55 -5.08 -6.80
C LYS A 327 18.16 -5.60 -6.41
N GLY A 328 17.14 -5.39 -7.26
CA GLY A 328 15.80 -5.82 -6.97
C GLY A 328 15.44 -7.15 -7.62
N GLU A 329 14.17 -7.50 -7.49
CA GLU A 329 13.58 -8.66 -8.14
C GLU A 329 12.50 -8.14 -9.07
N ILE A 330 12.38 -8.76 -10.23
CA ILE A 330 11.31 -8.42 -11.16
C ILE A 330 10.03 -9.05 -10.66
N MET A 331 8.92 -8.33 -10.80
CA MET A 331 7.69 -8.77 -10.18
C MET A 331 7.22 -10.06 -10.84
N PRO A 332 6.59 -10.96 -10.09
CA PRO A 332 5.86 -12.07 -10.71
C PRO A 332 4.64 -11.53 -11.44
N ASN A 333 4.15 -12.29 -12.42
CA ASN A 333 2.94 -11.88 -13.11
C ASN A 333 1.75 -12.78 -12.79
N ILE A 334 1.84 -13.62 -11.76
CA ILE A 334 0.83 -14.61 -11.43
C ILE A 334 -0.47 -13.94 -10.99
N PRO A 335 -1.61 -14.57 -11.22
CA PRO A 335 -2.91 -13.96 -10.86
C PRO A 335 -3.02 -13.51 -9.41
N GLN A 336 -2.22 -14.05 -8.51
CA GLN A 336 -2.28 -13.67 -7.10
C GLN A 336 -1.64 -12.32 -6.81
N MET A 337 -0.94 -11.71 -7.78
CA MET A 337 -0.32 -10.41 -7.54
C MET A 337 -1.36 -9.38 -7.14
N SER A 338 -2.58 -9.49 -7.66
CA SER A 338 -3.63 -8.53 -7.36
C SER A 338 -3.97 -8.53 -5.87
N ALA A 339 -4.26 -9.72 -5.32
CA ALA A 339 -4.56 -9.84 -3.89
C ALA A 339 -3.37 -9.46 -3.04
N PHE A 340 -2.15 -9.78 -3.51
CA PHE A 340 -0.95 -9.44 -2.76
C PHE A 340 -0.81 -7.93 -2.62
N TRP A 341 -0.93 -7.20 -3.74
CA TRP A 341 -0.78 -5.74 -3.69
C TRP A 341 -1.86 -5.11 -2.82
N TYR A 342 -3.10 -5.57 -2.94
CA TYR A 342 -4.17 -5.01 -2.12
C TYR A 342 -3.90 -5.26 -0.65
N ALA A 343 -3.31 -6.42 -0.33
CA ALA A 343 -3.02 -6.73 1.07
C ALA A 343 -1.89 -5.87 1.62
N VAL A 344 -0.83 -5.66 0.84
CA VAL A 344 0.29 -4.86 1.31
C VAL A 344 -0.08 -3.38 1.37
N ARG A 345 -0.86 -2.90 0.41
CA ARG A 345 -1.40 -1.53 0.44
C ARG A 345 -2.12 -1.25 1.75
N THR A 346 -2.99 -2.17 2.18
CA THR A 346 -3.73 -2.01 3.44
C THR A 346 -2.80 -2.00 4.63
N ALA A 347 -1.82 -2.90 4.64
CA ALA A 347 -0.89 -2.98 5.76
C ALA A 347 -0.10 -1.68 5.89
N VAL A 348 0.39 -1.16 4.76
CA VAL A 348 1.23 0.01 4.79
C VAL A 348 0.44 1.24 5.26
N ILE A 349 -0.71 1.49 4.62
CA ILE A 349 -1.56 2.61 5.06
C ILE A 349 -1.92 2.49 6.54
N ASN A 350 -2.26 1.29 7.00
CA ASN A 350 -2.76 1.14 8.37
C ASN A 350 -1.63 1.24 9.38
N ALA A 351 -0.48 0.63 9.09
CA ALA A 351 0.68 0.82 9.96
C ALA A 351 1.12 2.28 9.95
N ALA A 352 1.18 2.89 8.75
CA ALA A 352 1.59 4.29 8.63
C ALA A 352 0.64 5.24 9.33
N SER A 353 -0.61 4.84 9.58
CA SER A 353 -1.58 5.69 10.24
C SER A 353 -1.75 5.38 11.72
N GLY A 354 -1.15 4.32 12.22
CA GLY A 354 -1.37 3.88 13.59
C GLY A 354 -2.66 3.15 13.82
N ARG A 355 -3.48 2.96 12.78
CA ARG A 355 -4.65 2.11 12.90
C ARG A 355 -4.27 0.66 13.21
N GLN A 356 -3.07 0.24 12.80
CA GLN A 356 -2.58 -1.08 13.14
C GLN A 356 -1.10 -0.98 13.48
N THR A 357 -0.67 -1.81 14.42
CA THR A 357 0.75 -2.03 14.61
C THR A 357 1.36 -2.69 13.37
N VAL A 358 2.68 -2.62 13.26
CA VAL A 358 3.37 -3.30 12.17
C VAL A 358 3.07 -4.79 12.18
N ASP A 359 3.15 -5.42 13.35
CA ASP A 359 2.94 -6.85 13.42
C ASP A 359 1.51 -7.23 13.05
N ALA A 360 0.52 -6.49 13.56
CA ALA A 360 -0.86 -6.77 13.18
C ALA A 360 -1.09 -6.51 11.70
N ALA A 361 -0.55 -5.41 11.18
CA ALA A 361 -0.76 -5.08 9.77
C ALA A 361 -0.17 -6.15 8.87
N LEU A 362 1.08 -6.55 9.13
CA LEU A 362 1.75 -7.47 8.23
C LEU A 362 1.18 -8.87 8.33
N ALA A 363 0.84 -9.32 9.54
CA ALA A 363 0.22 -10.61 9.71
C ALA A 363 -1.08 -10.71 8.91
N ALA A 364 -1.93 -9.69 8.99
CA ALA A 364 -3.19 -9.68 8.26
C ALA A 364 -2.95 -9.80 6.77
N ALA A 365 -1.88 -9.16 6.28
CA ALA A 365 -1.65 -9.13 4.85
C ALA A 365 -1.08 -10.47 4.36
N GLN A 366 -0.24 -11.10 5.18
CA GLN A 366 0.28 -12.42 4.86
C GLN A 366 -0.86 -13.40 4.64
N THR A 367 -1.79 -13.48 5.59
CA THR A 367 -2.90 -14.43 5.43
C THR A 367 -3.71 -14.12 4.20
N ASN A 368 -4.06 -12.85 3.99
CA ASN A 368 -4.86 -12.49 2.82
C ASN A 368 -4.13 -12.82 1.51
N ALA A 369 -2.81 -12.73 1.50
CA ALA A 369 -2.06 -12.94 0.26
C ALA A 369 -1.84 -14.41 -0.01
N ALA A 370 -1.62 -15.21 1.02
CA ALA A 370 -1.26 -16.62 0.85
C ALA A 370 -2.45 -17.56 0.95
N ALA A 371 -3.62 -17.08 1.35
CA ALA A 371 -4.66 -17.98 1.81
C ALA A 371 -6.06 -17.40 1.74
N GLY A 372 -6.20 -16.09 1.90
CA GLY A 372 -7.47 -15.41 1.77
C GLY A 372 -8.06 -14.98 3.12
N GLY A 373 -9.16 -14.24 3.03
CA GLY A 373 -9.74 -13.59 4.17
C GLY A 373 -11.15 -13.15 3.92
N PRO A 374 -11.73 -12.41 4.87
CA PRO A 374 -13.11 -11.96 4.70
C PRO A 374 -13.35 -11.34 3.33
N VAL A 375 -14.44 -11.72 2.71
CA VAL A 375 -14.73 -11.35 1.33
C VAL A 375 -15.71 -10.20 1.34
N GLU A 376 -15.39 -9.15 0.58
CA GLU A 376 -16.29 -8.00 0.49
C GLU A 376 -17.51 -8.35 -0.36
N ILE A 377 -18.69 -8.15 0.20
CA ILE A 377 -19.95 -8.31 -0.50
C ILE A 377 -20.49 -6.96 -0.96
N LEU A 378 -20.55 -6.00 -0.05
CA LEU A 378 -20.85 -4.60 -0.23
C LEU A 378 -19.83 -3.83 0.61
N PRO A 379 -19.68 -2.52 0.43
CA PRO A 379 -18.62 -1.80 1.17
C PRO A 379 -18.73 -1.90 2.69
N PHE A 380 -19.93 -2.13 3.23
CA PHE A 380 -20.19 -2.21 4.66
C PHE A 380 -20.48 -3.63 5.13
N LEU A 381 -20.21 -4.65 4.32
CA LEU A 381 -20.75 -5.98 4.54
C LEU A 381 -19.74 -7.03 4.06
N TYR A 382 -19.23 -7.85 4.97
CA TYR A 382 -18.18 -8.81 4.66
C TYR A 382 -18.60 -10.20 5.08
N LEU A 383 -18.00 -11.21 4.45
CA LEU A 383 -18.39 -12.61 4.60
C LEU A 383 -17.16 -13.49 4.82
N GLY A 384 -17.25 -14.40 5.78
CA GLY A 384 -16.06 -15.13 6.17
C GLY A 384 -16.37 -16.28 7.12
N SER A 385 -15.30 -16.78 7.71
CA SER A 385 -15.30 -18.00 8.52
C SER A 385 -15.02 -17.68 9.99
N ALA A 386 -15.24 -18.69 10.82
CA ALA A 386 -14.90 -18.55 12.24
C ALA A 386 -13.40 -18.36 12.44
N TYR A 387 -12.58 -18.93 11.57
CA TYR A 387 -11.15 -18.68 11.63
C TYR A 387 -10.86 -17.19 11.53
N HIS A 388 -11.42 -16.55 10.50
CA HIS A 388 -11.30 -15.09 10.37
C HIS A 388 -11.84 -14.37 11.61
N ALA A 389 -13.02 -14.77 12.11
CA ALA A 389 -13.56 -14.11 13.30
C ALA A 389 -12.62 -14.16 14.50
N SER A 390 -11.60 -15.01 14.46
CA SER A 390 -10.63 -15.06 15.54
C SER A 390 -9.38 -14.25 15.28
N ARG A 391 -9.18 -13.78 14.04
CA ARG A 391 -7.99 -13.02 13.68
C ARG A 391 -8.30 -11.53 13.80
N LYS A 392 -8.13 -10.98 15.00
CA LYS A 392 -8.46 -9.56 15.20
C LYS A 392 -7.73 -8.67 14.21
N ASP A 393 -6.50 -9.03 13.86
CA ASP A 393 -5.73 -8.30 12.85
C ASP A 393 -6.44 -8.29 11.50
N MET A 394 -7.18 -9.33 11.17
CA MET A 394 -7.83 -9.35 9.87
C MET A 394 -9.13 -8.55 9.88
N LEU A 395 -9.88 -8.61 10.97
CA LEU A 395 -11.05 -7.73 11.14
C LEU A 395 -10.62 -6.26 11.15
N ASP A 396 -9.59 -5.92 11.95
CA ASP A 396 -9.16 -4.54 12.07
C ASP A 396 -8.66 -4.00 10.73
N ALA A 397 -7.89 -4.82 10.01
CA ALA A 397 -7.35 -4.38 8.72
C ALA A 397 -8.45 -3.84 7.83
N LEU A 398 -9.63 -4.47 7.87
CA LEU A 398 -10.78 -4.13 7.05
C LEU A 398 -11.64 -3.03 7.67
N GLY A 399 -11.36 -2.64 8.90
CA GLY A 399 -12.18 -1.65 9.55
C GLY A 399 -13.50 -2.19 10.04
N ILE A 400 -13.54 -3.45 10.47
CA ILE A 400 -14.79 -4.04 10.93
C ILE A 400 -15.20 -3.37 12.24
N THR A 401 -16.47 -3.01 12.34
CA THR A 401 -16.99 -2.50 13.60
C THR A 401 -18.00 -3.41 14.25
N ALA A 402 -18.65 -4.29 13.50
CA ALA A 402 -19.63 -5.19 14.05
C ALA A 402 -19.48 -6.55 13.37
N LEU A 403 -19.87 -7.61 14.07
CA LEU A 403 -19.90 -8.95 13.52
C LEU A 403 -21.27 -9.53 13.76
N ILE A 404 -21.76 -10.30 12.80
CA ILE A 404 -22.87 -11.21 13.02
C ILE A 404 -22.30 -12.62 13.09
N ASN A 405 -22.32 -13.21 14.28
CA ASN A 405 -21.84 -14.57 14.49
C ASN A 405 -23.02 -15.52 14.27
N VAL A 406 -23.02 -16.20 13.12
CA VAL A 406 -24.13 -17.07 12.75
C VAL A 406 -23.75 -18.50 13.07
N SER A 407 -23.84 -18.89 14.33
CA SER A 407 -23.46 -20.24 14.76
C SER A 407 -23.92 -20.46 16.19
N ALA A 408 -23.85 -21.72 16.63
CA ALA A 408 -24.19 -22.09 18.01
C ALA A 408 -23.00 -22.36 18.91
N ASN A 409 -21.80 -22.50 18.38
CA ASN A 409 -20.63 -22.91 19.15
CA ASN A 409 -20.65 -22.88 19.20
C ASN A 409 -19.41 -22.03 18.98
N CYS A 410 -19.48 -20.99 18.13
CA CYS A 410 -18.31 -20.15 17.90
CA CYS A 410 -18.32 -20.15 17.89
C CYS A 410 -18.33 -18.97 18.85
N PRO A 411 -17.31 -18.79 19.68
CA PRO A 411 -17.32 -17.69 20.64
C PRO A 411 -17.23 -16.33 19.98
N ASN A 412 -17.71 -15.32 20.69
CA ASN A 412 -17.43 -13.93 20.34
C ASN A 412 -16.09 -13.59 20.98
N HIS A 413 -15.02 -13.56 20.18
CA HIS A 413 -13.68 -13.48 20.75
C HIS A 413 -13.36 -12.10 21.30
N PHE A 414 -13.86 -11.04 20.66
CA PHE A 414 -13.38 -9.71 21.02
C PHE A 414 -14.55 -8.81 21.37
N GLU A 415 -15.34 -9.20 22.37
CA GLU A 415 -16.55 -8.46 22.68
C GLU A 415 -16.27 -7.04 23.15
N GLY A 416 -15.09 -6.77 23.65
CA GLY A 416 -14.73 -5.38 23.89
C GLY A 416 -14.85 -4.51 22.65
N HIS A 417 -14.37 -5.01 21.51
CA HIS A 417 -13.96 -4.13 20.42
C HIS A 417 -14.96 -4.01 19.27
N TYR A 418 -15.94 -4.91 19.16
CA TYR A 418 -16.92 -4.86 18.08
C TYR A 418 -18.32 -5.08 18.66
N GLN A 419 -19.32 -4.67 17.89
CA GLN A 419 -20.72 -4.97 18.19
C GLN A 419 -21.08 -6.35 17.65
N TYR A 420 -21.60 -7.22 18.50
CA TYR A 420 -21.91 -8.61 18.15
C TYR A 420 -23.40 -8.86 18.11
N LYS A 421 -23.86 -9.50 17.04
CA LYS A 421 -25.20 -10.05 16.90
C LYS A 421 -25.06 -11.56 16.75
N SER A 422 -25.65 -12.30 17.68
CA SER A 422 -25.62 -13.75 17.63
C SER A 422 -26.83 -14.29 16.88
N ILE A 423 -26.60 -15.17 15.91
CA ILE A 423 -27.67 -16.01 15.38
C ILE A 423 -27.30 -17.46 15.62
N PRO A 424 -27.85 -18.07 16.66
CA PRO A 424 -27.35 -19.36 17.16
C PRO A 424 -28.11 -20.52 16.53
N VAL A 425 -27.78 -20.78 15.26
CA VAL A 425 -28.36 -21.87 14.51
C VAL A 425 -27.26 -22.84 14.07
N GLU A 426 -27.65 -24.09 13.89
CA GLU A 426 -26.75 -25.10 13.36
C GLU A 426 -26.96 -25.20 11.86
N ASP A 427 -25.95 -25.75 11.19
CA ASP A 427 -25.96 -25.84 9.73
C ASP A 427 -26.53 -27.20 9.32
N ASN A 428 -27.82 -27.39 9.59
CA ASN A 428 -28.48 -28.63 9.26
C ASN A 428 -29.90 -28.36 8.77
N HIS A 429 -30.53 -29.43 8.28
CA HIS A 429 -31.85 -29.39 7.68
C HIS A 429 -32.96 -28.99 8.65
N LYS A 430 -32.68 -28.92 9.94
CA LYS A 430 -33.73 -28.61 10.91
C LYS A 430 -33.72 -27.17 11.39
N ALA A 431 -32.61 -26.43 11.19
CA ALA A 431 -32.50 -25.06 11.68
C ALA A 431 -33.41 -24.12 10.91
N ASP A 432 -34.16 -23.29 11.65
CA ASP A 432 -34.96 -22.20 11.10
C ASP A 432 -34.16 -20.90 11.17
N ILE A 433 -33.26 -20.75 10.21
CA ILE A 433 -32.51 -19.52 10.09
C ILE A 433 -33.39 -18.38 9.59
N SER A 434 -34.48 -18.68 8.90
CA SER A 434 -35.33 -17.63 8.32
C SER A 434 -35.98 -16.77 9.41
N SER A 435 -36.21 -17.35 10.59
CA SER A 435 -36.63 -16.57 11.75
C SER A 435 -35.74 -15.37 12.04
N TRP A 436 -34.51 -15.35 11.56
CA TRP A 436 -33.59 -14.28 11.90
C TRP A 436 -33.34 -13.30 10.77
N PHE A 437 -33.91 -13.52 9.58
CA PHE A 437 -33.59 -12.69 8.41
C PHE A 437 -33.86 -11.22 8.70
N ASN A 438 -35.04 -10.90 9.22
CA ASN A 438 -35.40 -9.50 9.46
C ASN A 438 -34.55 -8.88 10.55
N GLU A 439 -34.37 -9.59 11.65
CA GLU A 439 -33.43 -9.19 12.70
C GLU A 439 -32.07 -8.83 12.13
N ALA A 440 -31.55 -9.69 11.24
CA ALA A 440 -30.19 -9.51 10.76
C ALA A 440 -30.09 -8.35 9.79
N ILE A 441 -31.07 -8.24 8.90
CA ILE A 441 -31.10 -7.12 7.98
C ILE A 441 -31.14 -5.79 8.75
N ASP A 442 -32.00 -5.69 9.76
CA ASP A 442 -32.02 -4.47 10.57
C ASP A 442 -30.69 -4.21 11.21
N PHE A 443 -30.00 -5.25 11.65
CA PHE A 443 -28.68 -5.06 12.26
C PHE A 443 -27.70 -4.52 11.25
N ILE A 444 -27.60 -5.19 10.10
CA ILE A 444 -26.73 -4.73 9.01
C ILE A 444 -27.04 -3.28 8.68
N ASP A 445 -28.32 -2.98 8.41
CA ASP A 445 -28.71 -1.63 8.03
C ASP A 445 -28.33 -0.62 9.10
N SER A 446 -28.58 -0.94 10.37
CA SER A 446 -28.27 0.03 11.39
C SER A 446 -26.76 0.27 11.47
N ILE A 447 -25.96 -0.80 11.35
CA ILE A 447 -24.52 -0.64 11.37
C ILE A 447 -24.06 0.17 10.17
N LYS A 448 -24.60 -0.12 8.99
CA LYS A 448 -24.28 0.65 7.79
C LYS A 448 -24.64 2.12 7.98
N ASN A 449 -25.87 2.40 8.43
CA ASN A 449 -26.31 3.78 8.57
C ASN A 449 -25.44 4.56 9.53
N ALA A 450 -24.62 3.89 10.34
CA ALA A 450 -23.65 4.56 11.17
C ALA A 450 -22.26 4.55 10.55
N GLY A 451 -22.14 4.18 9.28
CA GLY A 451 -20.87 4.17 8.58
C GLY A 451 -19.95 3.02 8.91
N GLY A 452 -20.40 2.05 9.70
CA GLY A 452 -19.58 0.91 10.09
C GLY A 452 -19.52 -0.15 9.01
N ARG A 453 -18.95 -1.29 9.40
CA ARG A 453 -18.84 -2.45 8.53
C ARG A 453 -19.14 -3.69 9.36
N VAL A 454 -20.02 -4.54 8.85
CA VAL A 454 -20.38 -5.81 9.49
C VAL A 454 -19.60 -6.93 8.83
N PHE A 455 -19.08 -7.83 9.67
CA PHE A 455 -18.50 -9.09 9.22
C PHE A 455 -19.45 -10.22 9.62
N VAL A 456 -20.06 -10.85 8.62
CA VAL A 456 -20.95 -11.99 8.84
C VAL A 456 -20.12 -13.26 8.66
N HIS A 457 -20.10 -14.11 9.68
CA HIS A 457 -19.37 -15.37 9.57
C HIS A 457 -20.22 -16.50 10.12
N SER A 458 -19.84 -17.72 9.76
CA SER A 458 -20.35 -18.93 10.40
C SER A 458 -19.13 -19.78 10.72
N GLN A 459 -19.34 -21.09 10.85
CA GLN A 459 -18.19 -21.98 11.05
C GLN A 459 -17.31 -22.01 9.79
N ALA A 460 -17.91 -22.33 8.64
CA ALA A 460 -17.16 -22.40 7.38
C ALA A 460 -17.22 -21.14 6.52
N GLY A 461 -18.20 -20.25 6.72
CA GLY A 461 -18.40 -19.20 5.74
C GLY A 461 -19.02 -19.70 4.45
N ILE A 462 -19.75 -20.80 4.51
CA ILE A 462 -20.23 -21.50 3.33
C ILE A 462 -21.75 -21.49 3.24
N SER A 463 -22.44 -21.70 4.37
CA SER A 463 -23.86 -22.00 4.32
C SER A 463 -24.69 -21.04 5.18
N ARG A 464 -24.42 -21.00 6.49
CA ARG A 464 -25.22 -20.17 7.39
C ARG A 464 -25.03 -18.68 7.12
N SER A 465 -23.79 -18.22 7.01
CA SER A 465 -23.54 -16.79 6.82
C SER A 465 -23.80 -16.35 5.39
N ALA A 466 -23.50 -17.21 4.43
CA ALA A 466 -23.90 -16.91 3.07
C ALA A 466 -25.41 -16.71 3.01
N THR A 467 -26.18 -17.60 3.67
CA THR A 467 -27.63 -17.50 3.70
C THR A 467 -28.08 -16.15 4.27
N ILE A 468 -27.44 -15.67 5.34
CA ILE A 468 -27.78 -14.35 5.86
C ILE A 468 -27.44 -13.25 4.86
N CYS A 469 -26.27 -13.36 4.21
CA CYS A 469 -25.87 -12.33 3.26
C CYS A 469 -26.79 -12.29 2.03
N LEU A 470 -27.23 -13.46 1.54
CA LEU A 470 -28.18 -13.46 0.43
C LEU A 470 -29.49 -12.82 0.83
N ALA A 471 -29.96 -13.12 2.05
CA ALA A 471 -31.23 -12.55 2.50
C ALA A 471 -31.16 -11.03 2.56
N TYR A 472 -29.98 -10.49 2.87
CA TYR A 472 -29.84 -9.04 2.86
C TYR A 472 -29.92 -8.48 1.45
N LEU A 473 -29.20 -9.09 0.52
CA LEU A 473 -29.20 -8.59 -0.85
C LEU A 473 -30.60 -8.64 -1.45
N MET A 474 -31.29 -9.76 -1.27
CA MET A 474 -32.62 -9.96 -1.87
C MET A 474 -33.62 -8.93 -1.36
N ARG A 475 -33.60 -8.63 -0.04
CA ARG A 475 -34.56 -7.66 0.48
C ARG A 475 -34.09 -6.23 0.24
N THR A 476 -32.80 -5.97 0.35
CA THR A 476 -32.33 -4.59 0.25
C THR A 476 -32.41 -4.07 -1.18
N ASN A 477 -32.16 -4.92 -2.17
CA ASN A 477 -32.13 -4.46 -3.55
C ASN A 477 -33.24 -5.06 -4.40
N ARG A 478 -34.14 -5.83 -3.80
CA ARG A 478 -35.22 -6.51 -4.50
C ARG A 478 -34.70 -7.27 -5.72
N VAL A 479 -33.95 -8.34 -5.44
CA VAL A 479 -33.47 -9.24 -6.47
C VAL A 479 -33.85 -10.66 -6.10
N LYS A 480 -33.96 -11.50 -7.12
CA LYS A 480 -34.29 -12.91 -6.93
C LYS A 480 -33.12 -13.64 -6.25
N LEU A 481 -33.39 -14.88 -5.83
CA LEU A 481 -32.37 -15.67 -5.15
C LEU A 481 -31.23 -16.01 -6.09
N ASP A 482 -31.54 -16.38 -7.34
CA ASP A 482 -30.48 -16.77 -8.27
C ASP A 482 -29.58 -15.60 -8.61
N GLU A 483 -30.13 -14.39 -8.68
CA GLU A 483 -29.28 -13.21 -8.88
C GLU A 483 -28.39 -12.98 -7.67
N ALA A 484 -28.96 -12.99 -6.47
CA ALA A 484 -28.15 -12.80 -5.27
C ALA A 484 -27.08 -13.88 -5.15
N PHE A 485 -27.44 -15.11 -5.48
CA PHE A 485 -26.50 -16.20 -5.30
C PHE A 485 -25.30 -16.07 -6.23
N GLU A 486 -25.51 -15.64 -7.48
CA GLU A 486 -24.39 -15.51 -8.40
C GLU A 486 -23.49 -14.35 -8.03
N PHE A 487 -24.06 -13.29 -7.47
CA PHE A 487 -23.25 -12.16 -7.05
C PHE A 487 -22.26 -12.58 -5.97
N VAL A 488 -22.75 -13.25 -4.93
CA VAL A 488 -21.92 -13.69 -3.81
C VAL A 488 -20.94 -14.77 -4.26
N LYS A 489 -21.46 -15.79 -4.98
CA LYS A 489 -20.63 -16.88 -5.47
C LYS A 489 -19.46 -16.37 -6.30
N GLN A 490 -19.67 -15.28 -7.05
CA GLN A 490 -18.59 -14.67 -7.80
C GLN A 490 -17.53 -14.09 -6.87
N ARG A 491 -17.92 -13.70 -5.66
CA ARG A 491 -16.97 -13.11 -4.71
C ARG A 491 -16.38 -14.12 -3.75
N ARG A 492 -17.13 -15.19 -3.44
CA ARG A 492 -16.66 -16.21 -2.50
C ARG A 492 -17.09 -17.57 -3.06
N SER A 493 -16.20 -18.20 -3.81
CA SER A 493 -16.63 -19.29 -4.69
C SER A 493 -17.03 -20.54 -3.94
N ILE A 494 -16.80 -20.64 -2.63
CA ILE A 494 -17.11 -21.88 -1.93
C ILE A 494 -18.45 -21.85 -1.22
N ILE A 495 -19.23 -20.76 -1.34
CA ILE A 495 -20.49 -20.72 -0.62
C ILE A 495 -21.40 -21.80 -1.16
N SER A 496 -22.13 -22.44 -0.25
CA SER A 496 -23.06 -23.48 -0.64
C SER A 496 -24.12 -23.69 0.44
N PRO A 497 -25.12 -22.81 0.54
CA PRO A 497 -26.18 -23.01 1.55
C PRO A 497 -26.75 -24.42 1.47
N ASN A 498 -27.09 -25.00 2.62
CA ASN A 498 -27.66 -26.34 2.61
C ASN A 498 -29.05 -26.31 1.98
N PHE A 499 -29.53 -27.49 1.54
CA PHE A 499 -30.74 -27.50 0.72
C PHE A 499 -31.92 -26.88 1.46
N SER A 500 -32.00 -27.06 2.78
CA SER A 500 -33.10 -26.48 3.53
C SER A 500 -32.97 -24.96 3.65
N PHE A 501 -31.73 -24.45 3.69
CA PHE A 501 -31.53 -23.00 3.68
C PHE A 501 -31.89 -22.41 2.32
N MET A 502 -31.59 -23.13 1.23
CA MET A 502 -31.96 -22.64 -0.09
C MET A 502 -33.47 -22.48 -0.19
N GLY A 503 -34.20 -23.50 0.27
CA GLY A 503 -35.65 -23.41 0.27
C GLY A 503 -36.19 -22.28 1.11
N GLN A 504 -35.58 -22.04 2.28
CA GLN A 504 -36.01 -20.94 3.13
C GLN A 504 -35.73 -19.60 2.45
N LEU A 505 -34.61 -19.49 1.72
CA LEU A 505 -34.35 -18.29 0.94
C LEU A 505 -35.33 -18.19 -0.22
N LEU A 506 -35.61 -19.32 -0.86
CA LEU A 506 -36.58 -19.36 -1.94
C LEU A 506 -37.96 -18.92 -1.46
N GLN A 507 -38.39 -19.40 -0.30
CA GLN A 507 -39.66 -18.91 0.23
C GLN A 507 -39.58 -17.45 0.60
N PHE A 508 -38.43 -17.01 1.14
CA PHE A 508 -38.25 -15.60 1.49
C PHE A 508 -38.23 -14.74 0.24
N GLU A 509 -37.75 -15.28 -0.88
CA GLU A 509 -37.84 -14.59 -2.16
C GLU A 509 -39.29 -14.27 -2.53
N SER A 510 -40.18 -15.24 -2.38
CA SER A 510 -41.59 -15.05 -2.72
C SER A 510 -42.22 -13.94 -1.88
N GLN A 511 -41.87 -13.87 -0.59
CA GLN A 511 -42.44 -12.85 0.27
C GLN A 511 -41.90 -11.46 -0.05
N VAL A 512 -40.63 -11.36 -0.45
CA VAL A 512 -40.02 -10.04 -0.65
C VAL A 512 -40.36 -9.42 -2.01
N LEU A 513 -40.70 -10.22 -3.01
CA LEU A 513 -41.01 -9.73 -4.34
C LEU A 513 -42.46 -10.06 -4.72
N ALA A 514 -43.37 -9.91 -3.76
CA ALA A 514 -44.80 -10.10 -4.01
C ALA A 514 -45.30 -9.00 -4.93
N HIS A 515 -45.61 -9.36 -6.18
CA HIS A 515 -45.91 -8.38 -7.22
C HIS A 515 -47.32 -7.84 -7.08
N HIS B 8 -15.65 17.21 25.76
CA HIS B 8 -14.45 16.39 25.56
C HIS B 8 -13.82 16.70 24.21
N HIS B 9 -14.63 17.20 23.28
CA HIS B 9 -14.14 17.49 21.93
C HIS B 9 -13.13 18.64 21.95
N HIS B 10 -13.35 19.63 22.81
CA HIS B 10 -12.41 20.75 22.92
C HIS B 10 -11.08 20.29 23.51
N GLY B 11 -11.13 19.41 24.52
CA GLY B 11 -9.91 18.88 25.09
C GLY B 11 -9.06 18.15 24.06
N SER B 12 -9.71 17.49 23.11
CA SER B 12 -8.98 16.83 22.03
C SER B 12 -8.26 17.86 21.16
N ASP B 13 -8.92 18.98 20.85
CA ASP B 13 -8.27 20.02 20.05
C ASP B 13 -7.02 20.54 20.75
N LEU B 14 -7.17 20.94 22.01
CA LEU B 14 -6.02 21.38 22.81
C LEU B 14 -4.88 20.38 22.73
N GLY B 15 -5.20 19.10 22.92
CA GLY B 15 -4.16 18.08 22.88
C GLY B 15 -3.40 18.07 21.58
N LYS B 16 -4.13 18.08 20.46
CA LYS B 16 -3.45 18.04 19.16
C LYS B 16 -2.56 19.27 18.98
N LYS B 17 -3.03 20.45 19.38
CA LYS B 17 -2.14 21.61 19.28
C LYS B 17 -0.92 21.44 20.17
N LEU B 18 -1.11 20.87 21.36
CA LEU B 18 0.00 20.68 22.28
C LEU B 18 1.05 19.76 21.68
N LEU B 19 0.62 18.64 21.07
CA LEU B 19 1.57 17.75 20.42
C LEU B 19 2.33 18.48 19.33
N GLU B 20 1.63 19.32 18.56
CA GLU B 20 2.28 20.02 17.47
C GLU B 20 3.19 21.12 18.01
N ALA B 21 2.80 21.76 19.11
CA ALA B 21 3.64 22.79 19.68
C ALA B 21 4.90 22.19 20.35
N ALA B 22 4.75 21.09 21.09
CA ALA B 22 5.93 20.40 21.63
C ALA B 22 6.85 19.93 20.53
N HIS B 23 6.28 19.45 19.43
CA HIS B 23 7.09 19.04 18.30
C HIS B 23 7.85 20.24 17.71
N ALA B 24 7.16 21.34 17.51
CA ALA B 24 7.75 22.51 16.88
C ALA B 24 8.70 23.30 17.79
N GLY B 25 8.81 22.97 19.07
CA GLY B 25 9.62 23.79 19.95
C GLY B 25 9.07 25.17 20.24
N GLN B 26 7.75 25.34 20.17
CA GLN B 26 7.09 26.63 20.42
C GLN B 26 6.80 26.73 21.91
N ASP B 27 7.78 27.27 22.66
CA ASP B 27 7.72 27.29 24.12
C ASP B 27 6.47 28.03 24.61
N ASP B 28 6.33 29.30 24.21
CA ASP B 28 5.21 30.09 24.70
C ASP B 28 3.88 29.45 24.35
N GLU B 29 3.80 28.84 23.17
CA GLU B 29 2.54 28.19 22.81
C GLU B 29 2.23 27.05 23.76
N VAL B 30 3.25 26.29 24.16
CA VAL B 30 3.05 25.15 25.04
C VAL B 30 2.58 25.62 26.41
N ARG B 31 3.13 26.73 26.88
CA ARG B 31 2.72 27.26 28.16
C ARG B 31 1.25 27.68 28.12
N ILE B 32 0.86 28.40 27.06
CA ILE B 32 -0.51 28.85 26.92
C ILE B 32 -1.46 27.66 26.94
N LEU B 33 -1.12 26.60 26.19
CA LEU B 33 -1.98 25.41 26.14
C LEU B 33 -2.01 24.69 27.46
N MET B 34 -0.90 24.72 28.20
CA MET B 34 -0.91 24.17 29.54
C MET B 34 -1.83 24.97 30.43
N ALA B 35 -1.74 26.30 30.36
CA ALA B 35 -2.62 27.13 31.18
C ALA B 35 -4.08 26.86 30.86
N ASN B 36 -4.43 26.73 29.58
CA ASN B 36 -5.81 26.46 29.18
C ASN B 36 -6.28 25.02 29.44
N GLY B 37 -5.43 24.13 29.95
CA GLY B 37 -5.85 22.82 30.38
C GLY B 37 -5.58 21.64 29.46
N ALA B 38 -4.57 21.72 28.59
CA ALA B 38 -4.26 20.61 27.70
C ALA B 38 -3.84 19.37 28.47
N ASP B 39 -4.32 18.21 28.05
CA ASP B 39 -3.87 16.97 28.65
C ASP B 39 -2.36 16.87 28.44
N VAL B 40 -1.59 16.98 29.52
CA VAL B 40 -0.13 16.93 29.41
C VAL B 40 0.32 15.59 28.87
N ASN B 41 -0.56 14.60 28.85
CA ASN B 41 -0.23 13.30 28.30
C ASN B 41 -1.12 12.97 27.11
N ALA B 42 -1.55 14.00 26.36
CA ALA B 42 -2.21 13.78 25.08
C ALA B 42 -1.39 12.82 24.22
N MET B 43 -2.08 11.99 23.46
CA MET B 43 -1.44 11.01 22.61
C MET B 43 -1.98 11.16 21.21
N ASP B 44 -1.12 10.84 20.25
CA ASP B 44 -1.56 10.69 18.88
C ASP B 44 -1.79 9.20 18.65
N ASN B 45 -2.05 8.79 17.42
CA ASN B 45 -2.39 7.39 17.21
C ASN B 45 -1.20 6.45 17.36
N PHE B 46 0.01 6.96 17.50
CA PHE B 46 1.13 6.11 17.86
C PHE B 46 1.43 6.14 19.35
N GLY B 47 0.55 6.74 20.16
CA GLY B 47 0.82 6.78 21.58
C GLY B 47 1.98 7.67 21.96
N VAL B 48 2.37 8.57 21.08
CA VAL B 48 3.43 9.54 21.34
C VAL B 48 2.86 10.73 22.12
N THR B 49 3.55 11.11 23.18
CA THR B 49 3.18 12.20 24.08
C THR B 49 3.92 13.47 23.71
N PRO B 50 3.52 14.62 24.26
CA PRO B 50 4.32 15.84 24.05
C PRO B 50 5.69 15.74 24.65
N LEU B 51 5.86 14.92 25.70
CA LEU B 51 7.19 14.75 26.27
C LEU B 51 8.10 13.98 25.31
N HIS B 52 7.60 12.87 24.75
CA HIS B 52 8.27 12.16 23.65
C HIS B 52 8.80 13.12 22.60
N LEU B 53 7.92 14.00 22.08
CA LEU B 53 8.30 14.90 20.99
C LEU B 53 9.33 15.94 21.45
N ALA B 54 9.15 16.50 22.64
CA ALA B 54 10.09 17.50 23.11
C ALA B 54 11.45 16.87 23.36
N ALA B 55 11.48 15.67 23.91
CA ALA B 55 12.77 15.01 24.10
C ALA B 55 13.44 14.67 22.75
N TYR B 56 12.66 14.16 21.80
CA TYR B 56 13.26 13.74 20.54
C TYR B 56 13.79 14.91 19.73
N TRP B 57 13.17 16.08 19.88
CA TRP B 57 13.48 17.22 19.02
C TRP B 57 14.28 18.29 19.73
N GLY B 58 14.82 18.00 20.91
CA GLY B 58 15.75 18.89 21.58
C GLY B 58 15.15 20.15 22.18
N HIS B 59 13.93 20.10 22.70
CA HIS B 59 13.28 21.28 23.23
C HIS B 59 13.33 21.18 24.75
N PHE B 60 14.47 21.61 25.29
CA PHE B 60 14.72 21.48 26.71
C PHE B 60 13.66 22.19 27.55
N GLU B 61 13.48 23.49 27.34
CA GLU B 61 12.50 24.25 28.10
C GLU B 61 11.14 23.56 28.10
N ILE B 62 10.72 23.06 26.94
CA ILE B 62 9.43 22.40 26.81
C ILE B 62 9.39 21.10 27.62
N VAL B 63 10.44 20.30 27.50
CA VAL B 63 10.56 19.12 28.35
C VAL B 63 10.30 19.48 29.80
N GLU B 64 10.97 20.51 30.30
CA GLU B 64 10.87 20.82 31.72
C GLU B 64 9.47 21.30 32.11
N VAL B 65 8.82 22.07 31.23
CA VAL B 65 7.44 22.49 31.52
C VAL B 65 6.51 21.28 31.63
N LEU B 66 6.63 20.34 30.68
CA LEU B 66 5.75 19.19 30.69
C LEU B 66 5.94 18.38 31.96
N LEU B 67 7.15 18.30 32.46
CA LEU B 67 7.38 17.50 33.64
C LEU B 67 6.88 18.21 34.87
N LYS B 68 7.07 19.52 34.93
CA LYS B 68 6.47 20.29 36.01
C LYS B 68 4.98 20.07 36.03
N TYR B 69 4.35 20.04 34.86
CA TYR B 69 2.91 19.86 34.76
C TYR B 69 2.47 18.42 35.00
N GLY B 70 3.39 17.52 35.29
CA GLY B 70 3.00 16.15 35.55
C GLY B 70 3.05 15.21 34.38
N ALA B 71 3.82 15.51 33.33
CA ALA B 71 4.00 14.53 32.25
C ALA B 71 4.49 13.19 32.81
N ASP B 72 3.99 12.11 32.24
CA ASP B 72 4.51 10.78 32.56
C ASP B 72 5.93 10.64 32.01
N VAL B 73 6.92 10.66 32.89
CA VAL B 73 8.32 10.58 32.47
C VAL B 73 8.63 9.22 31.84
N ASN B 74 7.96 8.15 32.25
CA ASN B 74 8.23 6.83 31.71
C ASN B 74 7.18 6.37 30.70
N ALA B 75 6.39 7.29 30.16
CA ALA B 75 5.42 6.95 29.13
C ALA B 75 6.08 6.18 27.99
N SER B 76 5.41 5.11 27.58
CA SER B 76 5.82 4.27 26.47
C SER B 76 4.86 4.48 25.32
N ASP B 77 5.38 4.91 24.17
CA ASP B 77 4.50 5.05 23.01
C ASP B 77 4.18 3.66 22.44
N ALA B 78 3.27 3.62 21.47
CA ALA B 78 2.75 2.36 20.96
C ALA B 78 3.86 1.44 20.50
N THR B 79 5.04 2.00 20.32
CA THR B 79 6.17 1.35 19.69
C THR B 79 7.21 0.89 20.70
N GLY B 80 7.04 1.26 21.98
CA GLY B 80 7.95 0.89 23.04
C GLY B 80 8.95 1.96 23.40
N ASP B 81 8.97 3.08 22.68
CA ASP B 81 9.91 4.16 22.95
C ASP B 81 9.46 4.98 24.15
N THR B 82 10.40 5.26 25.04
CA THR B 82 10.20 6.22 26.12
C THR B 82 10.93 7.52 25.81
N PRO B 83 10.54 8.63 26.45
CA PRO B 83 11.24 9.90 26.20
C PRO B 83 12.74 9.79 26.39
N LEU B 84 13.18 8.99 27.36
CA LEU B 84 14.61 8.85 27.60
C LEU B 84 15.30 8.11 26.46
N HIS B 85 14.64 7.10 25.88
CA HIS B 85 15.18 6.46 24.68
C HIS B 85 15.41 7.50 23.58
N LEU B 86 14.42 8.37 23.37
CA LEU B 86 14.50 9.33 22.27
C LEU B 86 15.57 10.39 22.55
N ALA B 87 15.73 10.81 23.81
CA ALA B 87 16.72 11.81 24.14
C ALA B 87 18.12 11.21 24.07
N ALA B 88 18.28 9.96 24.51
CA ALA B 88 19.57 9.27 24.41
C ALA B 88 20.00 9.09 22.98
N LYS B 89 19.07 9.11 22.03
CA LYS B 89 19.38 8.90 20.63
C LYS B 89 20.29 10.01 20.10
N TRP B 90 20.07 11.24 20.55
CA TRP B 90 20.79 12.40 20.06
C TRP B 90 21.77 12.97 21.07
N GLY B 91 21.92 12.34 22.23
CA GLY B 91 22.88 12.81 23.21
C GLY B 91 22.49 14.09 23.93
N TYR B 92 21.20 14.31 24.17
CA TYR B 92 20.71 15.53 24.81
C TYR B 92 21.00 15.45 26.31
N LEU B 93 22.24 15.80 26.67
CA LEU B 93 22.64 15.81 28.07
C LEU B 93 21.66 16.57 28.96
N GLY B 94 21.29 17.79 28.56
CA GLY B 94 20.40 18.59 29.38
C GLY B 94 19.04 17.95 29.58
N ILE B 95 18.48 17.39 28.50
CA ILE B 95 17.16 16.77 28.58
C ILE B 95 17.22 15.48 29.37
N VAL B 96 18.22 14.64 29.08
CA VAL B 96 18.37 13.39 29.82
C VAL B 96 18.53 13.65 31.32
N GLU B 97 19.23 14.73 31.68
CA GLU B 97 19.47 15.04 33.10
C GLU B 97 18.15 15.28 33.84
N VAL B 98 17.23 16.07 33.26
CA VAL B 98 15.97 16.37 33.93
C VAL B 98 15.02 15.18 33.88
N LEU B 99 15.03 14.43 32.76
CA LEU B 99 14.25 13.19 32.73
C LEU B 99 14.68 12.27 33.87
N LEU B 100 15.99 12.15 34.09
CA LEU B 100 16.47 11.36 35.21
C LEU B 100 16.06 11.96 36.54
N LYS B 101 16.26 13.27 36.69
CA LYS B 101 15.81 13.95 37.91
C LYS B 101 14.38 13.59 38.23
N TYR B 102 13.53 13.48 37.20
CA TYR B 102 12.11 13.24 37.38
C TYR B 102 11.75 11.76 37.43
N GLY B 103 12.73 10.87 37.50
CA GLY B 103 12.45 9.46 37.64
C GLY B 103 12.41 8.66 36.36
N ALA B 104 13.02 9.13 35.27
CA ALA B 104 13.11 8.30 34.08
C ALA B 104 13.81 6.99 34.42
N ASP B 105 13.33 5.92 33.81
CA ASP B 105 13.72 4.55 34.14
C ASP B 105 14.89 4.13 33.25
N VAL B 106 16.10 4.07 33.81
CA VAL B 106 17.26 3.71 33.00
C VAL B 106 17.24 2.28 32.51
N ASN B 107 16.39 1.41 33.05
CA ASN B 107 16.36 0.02 32.60
C ASN B 107 15.24 -0.27 31.61
N ALA B 108 14.41 0.73 31.28
CA ALA B 108 13.37 0.50 30.29
C ALA B 108 13.98 0.14 28.94
N GLN B 109 13.37 -0.86 28.28
CA GLN B 109 13.86 -1.37 27.02
C GLN B 109 12.98 -0.90 25.88
N ASP B 110 13.59 -0.66 24.73
CA ASP B 110 12.86 -0.31 23.52
C ASP B 110 12.62 -1.58 22.69
N LYS B 111 11.97 -1.42 21.53
CA LYS B 111 11.61 -2.53 20.66
C LYS B 111 12.80 -3.36 20.20
N PHE B 112 14.02 -2.83 20.31
CA PHE B 112 15.19 -3.64 19.99
C PHE B 112 15.85 -4.18 21.24
N GLY B 113 15.18 -4.09 22.39
CA GLY B 113 15.73 -4.57 23.63
C GLY B 113 16.77 -3.68 24.25
N LYS B 114 16.97 -2.49 23.72
CA LYS B 114 18.05 -1.61 24.18
C LYS B 114 17.53 -0.58 25.16
N THR B 115 18.35 -0.30 26.16
CA THR B 115 18.15 0.73 27.17
C THR B 115 18.79 2.05 26.69
N ALA B 116 18.53 3.12 27.45
CA ALA B 116 19.10 4.42 27.10
C ALA B 116 20.61 4.37 27.07
N PHE B 117 21.21 3.57 27.94
CA PHE B 117 22.66 3.40 27.87
C PHE B 117 23.07 2.71 26.57
N ASP B 118 22.35 1.65 26.18
CA ASP B 118 22.65 0.97 24.93
C ASP B 118 22.50 1.91 23.73
N ILE B 119 21.38 2.66 23.70
CA ILE B 119 21.17 3.61 22.62
C ILE B 119 22.30 4.64 22.56
N SER B 120 22.77 5.12 23.72
CA SER B 120 23.78 6.17 23.67
C SER B 120 25.13 5.63 23.19
N ILE B 121 25.49 4.42 23.63
CA ILE B 121 26.72 3.78 23.13
C ILE B 121 26.60 3.51 21.63
N ASP B 122 25.43 3.08 21.17
CA ASP B 122 25.25 2.79 19.75
C ASP B 122 25.30 4.02 18.86
N ASN B 123 25.32 5.23 19.41
CA ASN B 123 25.34 6.43 18.60
C ASN B 123 26.54 7.31 18.87
N GLY B 124 27.52 6.83 19.64
CA GLY B 124 28.68 7.63 19.93
C GLY B 124 28.49 8.65 21.02
N ASN B 125 27.32 8.71 21.64
CA ASN B 125 27.14 9.66 22.74
C ASN B 125 27.84 9.13 23.99
N GLU B 126 29.17 9.09 23.96
CA GLU B 126 29.88 8.43 25.04
C GLU B 126 29.94 9.28 26.31
N ASP B 127 29.94 10.61 26.18
CA ASP B 127 29.75 11.45 27.35
C ASP B 127 28.46 11.06 28.08
N LEU B 128 27.37 10.95 27.33
CA LEU B 128 26.12 10.49 27.93
C LEU B 128 26.24 9.08 28.51
N ALA B 129 27.08 8.24 27.91
CA ALA B 129 27.18 6.85 28.35
C ALA B 129 27.90 6.73 29.69
N GLU B 130 28.97 7.51 29.90
CA GLU B 130 29.63 7.51 31.20
C GLU B 130 28.65 7.90 32.28
N ILE B 131 27.81 8.88 32.01
CA ILE B 131 26.78 9.26 32.96
C ILE B 131 25.84 8.10 33.23
N LEU B 132 25.27 7.53 32.18
CA LEU B 132 24.26 6.48 32.39
C LEU B 132 24.83 5.22 33.02
N GLN B 133 26.13 4.98 32.85
CA GLN B 133 26.72 3.68 33.18
C GLN B 133 26.67 3.40 34.68
N LYS B 134 26.65 4.45 35.50
CA LYS B 134 26.73 4.34 36.94
C LYS B 134 25.36 4.14 37.59
N LEU B 135 24.32 3.84 36.81
CA LEU B 135 22.93 3.77 37.28
C LEU B 135 22.27 2.43 36.93
#